data_7U36
#
_entry.id   7U36
#
_cell.length_a   82.201
_cell.length_b   85.315
_cell.length_c   178.358
_cell.angle_alpha   90.000
_cell.angle_beta   90.000
_cell.angle_gamma   90.000
#
_symmetry.space_group_name_H-M   'P 21 21 21'
#
loop_
_entity.id
_entity.type
_entity.pdbx_description
1 polymer 'Glycogen synthase kinase-3 beta'
2 non-polymer 'CHLORIDE ION'
3 non-polymer (3S)-1-[(2-fluorophenoxy)acetyl]-N-(pyridin-2-yl)pyrrolidine-3-carboxamide
4 water water
#
_entity_poly.entity_id   1
_entity_poly.type   'polypeptide(L)'
_entity_poly.pdbx_seq_one_letter_code
;SKVTTVVATPGQGPDRPQEVSYTDTKVIGNGSFGVVYQAKLCDSGELVAIKKVLQDKRFKNRELQIMRKLDHCNIVRLRY
FFYSSGEKKDEVYLNLVLDYVPETVYRVARHYSRAKQTLPVIYVKLYMYQLFRSLAYIHSFGICHRDIKPQNLLLDPDTA
VLKLCDFGSAKQLVRGEPNVSYICSRYYRAPELIFGATDYTSSIDVWSAGCVLAELLLGQPIFPGDSGVDQLVEIIKVLG
TPTREQIREMNPNYTEFKFPQIKAHPWTKVFRPRTPPEAIALCSRLLEYTPTARLTPLEACAHSFFDELRDPNVKLPNGR
DTPALFNFTTQELSSNPPLATILIPPHARIQ
;
_entity_poly.pdbx_strand_id   A,B
#
loop_
_chem_comp.id
_chem_comp.type
_chem_comp.name
_chem_comp.formula
CL non-polymer 'CHLORIDE ION' 'Cl -1'
L7W non-polymer (3S)-1-[(2-fluorophenoxy)acetyl]-N-(pyridin-2-yl)pyrrolidine-3-carboxamide 'C18 H18 F N3 O3'
#
# COMPACT_ATOMS: atom_id res chain seq x y z
N LYS A 2 -28.97 -23.30 -19.19
CA LYS A 2 -29.22 -22.04 -18.42
C LYS A 2 -28.69 -20.83 -19.19
N VAL A 3 -29.61 -19.93 -19.58
CA VAL A 3 -29.35 -18.84 -20.52
C VAL A 3 -30.03 -17.52 -20.16
N THR A 4 -29.19 -16.48 -19.99
CA THR A 4 -29.64 -15.11 -19.77
C THR A 4 -29.68 -14.36 -21.09
N THR A 5 -30.75 -13.59 -21.31
CA THR A 5 -30.89 -12.74 -22.49
C THR A 5 -31.21 -11.31 -22.11
N VAL A 6 -30.32 -10.38 -22.51
CA VAL A 6 -30.45 -8.97 -22.20
C VAL A 6 -30.59 -8.16 -23.47
N VAL A 7 -30.96 -6.89 -23.32
CA VAL A 7 -30.93 -5.92 -24.39
C VAL A 7 -29.83 -4.92 -24.01
N ALA A 8 -28.74 -4.92 -24.79
CA ALA A 8 -27.53 -4.16 -24.47
C ALA A 8 -27.15 -3.17 -25.57
N THR A 9 -26.57 -2.04 -25.17
CA THR A 9 -26.09 -1.01 -26.07
C THR A 9 -24.66 -1.35 -26.48
N PRO A 10 -24.32 -1.41 -27.79
CA PRO A 10 -22.94 -1.66 -28.21
C PRO A 10 -21.95 -0.59 -27.74
N GLY A 11 -20.70 -0.98 -27.49
CA GLY A 11 -19.70 -0.13 -26.88
C GLY A 11 -19.31 1.09 -27.69
N GLN A 12 -18.93 0.86 -28.95
CA GLN A 12 -18.80 1.92 -29.95
C GLN A 12 -19.97 1.81 -30.95
N GLY A 13 -19.95 2.61 -32.01
CA GLY A 13 -21.00 2.62 -33.00
C GLY A 13 -22.26 3.29 -32.45
N PRO A 14 -23.33 3.45 -33.27
CA PRO A 14 -24.49 4.23 -32.86
C PRO A 14 -25.39 3.45 -31.89
N ASP A 15 -26.30 4.16 -31.20
CA ASP A 15 -27.22 3.56 -30.23
C ASP A 15 -28.22 2.61 -30.91
N ARG A 16 -27.78 1.37 -31.14
CA ARG A 16 -28.58 0.33 -31.84
C ARG A 16 -28.70 -0.89 -30.94
N PRO A 17 -29.68 -0.89 -30.01
CA PRO A 17 -29.80 -1.92 -28.98
C PRO A 17 -29.81 -3.31 -29.61
N GLN A 18 -29.12 -4.27 -28.97
CA GLN A 18 -28.98 -5.60 -29.53
C GLN A 18 -29.40 -6.59 -28.48
N GLU A 19 -30.10 -7.64 -28.91
CA GLU A 19 -30.47 -8.73 -28.03
C GLU A 19 -29.25 -9.64 -27.88
N VAL A 20 -28.73 -9.76 -26.66
CA VAL A 20 -27.55 -10.57 -26.37
C VAL A 20 -27.89 -11.69 -25.40
N SER A 21 -27.66 -12.93 -25.80
CA SER A 21 -27.83 -14.11 -24.93
C SER A 21 -26.47 -14.68 -24.59
N TYR A 22 -26.31 -15.08 -23.33
CA TYR A 22 -25.05 -15.69 -22.82
C TYR A 22 -25.37 -16.72 -21.73
N THR A 23 -24.40 -17.60 -21.47
CA THR A 23 -24.55 -18.73 -20.57
C THR A 23 -23.20 -19.09 -19.99
N ASP A 24 -23.17 -20.15 -19.18
CA ASP A 24 -21.98 -20.65 -18.48
C ASP A 24 -21.38 -19.57 -17.59
N THR A 25 -22.25 -18.88 -16.85
CA THR A 25 -21.84 -17.70 -16.08
C THR A 25 -21.09 -18.11 -14.82
N LYS A 26 -19.76 -18.16 -14.90
CA LYS A 26 -18.88 -18.33 -13.75
C LYS A 26 -18.69 -16.98 -13.05
N VAL A 27 -17.91 -16.98 -11.97
CA VAL A 27 -17.44 -15.77 -11.33
C VAL A 27 -15.94 -15.84 -11.31
N ILE A 28 -15.30 -14.67 -11.44
CA ILE A 28 -13.85 -14.57 -11.42
C ILE A 28 -13.48 -13.29 -10.70
N GLY A 29 -13.37 -13.41 -9.37
CA GLY A 29 -13.01 -12.31 -8.50
C GLY A 29 -14.10 -11.26 -8.45
N ASN A 30 -14.09 -10.50 -7.37
CA ASN A 30 -14.85 -9.27 -7.22
C ASN A 30 -13.77 -8.29 -6.80
N GLY A 31 -14.10 -7.36 -5.90
CA GLY A 31 -13.16 -6.36 -5.42
C GLY A 31 -13.81 -5.01 -5.53
N SER A 32 -13.34 -4.06 -4.69
CA SER A 32 -13.92 -2.73 -4.50
C SER A 32 -15.19 -2.45 -5.32
N PHE A 33 -14.99 -2.11 -6.61
CA PHE A 33 -16.06 -1.85 -7.60
C PHE A 33 -17.27 -2.79 -7.47
N GLY A 34 -17.01 -4.10 -7.48
CA GLY A 34 -18.03 -5.13 -7.52
C GLY A 34 -17.55 -6.37 -8.24
N VAL A 35 -18.50 -7.21 -8.66
CA VAL A 35 -18.26 -8.55 -9.18
C VAL A 35 -17.89 -8.58 -10.68
N VAL A 36 -17.03 -9.54 -11.04
CA VAL A 36 -16.66 -9.79 -12.43
C VAL A 36 -16.93 -11.25 -12.80
N TYR A 37 -17.88 -11.46 -13.72
CA TYR A 37 -18.31 -12.79 -14.21
C TYR A 37 -17.58 -13.11 -15.51
N GLN A 38 -17.60 -14.39 -15.90
CA GLN A 38 -17.18 -14.84 -17.20
C GLN A 38 -18.35 -15.59 -17.78
N ALA A 39 -18.60 -15.42 -19.08
CA ALA A 39 -19.71 -16.07 -19.75
C ALA A 39 -19.38 -16.40 -21.19
N LYS A 40 -20.25 -17.21 -21.81
CA LYS A 40 -20.13 -17.60 -23.20
C LYS A 40 -21.35 -17.10 -23.95
N LEU A 41 -21.10 -16.29 -24.99
CA LEU A 41 -22.13 -15.76 -25.87
C LEU A 41 -22.72 -16.92 -26.67
N CYS A 42 -24.05 -17.02 -26.64
CA CYS A 42 -24.76 -18.20 -27.12
C CYS A 42 -24.55 -18.53 -28.60
N ASP A 43 -24.59 -17.50 -29.46
CA ASP A 43 -24.45 -17.71 -30.90
C ASP A 43 -23.01 -18.06 -31.26
N SER A 44 -22.08 -17.12 -30.99
CA SER A 44 -20.69 -17.20 -31.43
C SER A 44 -19.80 -18.11 -30.58
N GLY A 45 -20.27 -18.45 -29.38
CA GLY A 45 -19.50 -19.25 -28.43
C GLY A 45 -18.28 -18.53 -27.86
N GLU A 46 -18.14 -17.24 -28.18
CA GLU A 46 -17.02 -16.42 -27.74
C GLU A 46 -17.17 -16.08 -26.27
N LEU A 47 -16.05 -16.01 -25.57
CA LEU A 47 -16.04 -15.74 -24.13
C LEU A 47 -16.04 -14.24 -23.86
N VAL A 48 -16.82 -13.81 -22.85
CA VAL A 48 -16.82 -12.43 -22.38
C VAL A 48 -16.64 -12.35 -20.87
N ALA A 49 -16.14 -11.20 -20.42
CA ALA A 49 -16.06 -10.86 -19.01
C ALA A 49 -17.12 -9.79 -18.76
N ILE A 50 -17.87 -9.93 -17.66
CA ILE A 50 -18.90 -8.94 -17.29
C ILE A 50 -18.54 -8.31 -15.95
N LYS A 51 -18.20 -7.02 -15.97
CA LYS A 51 -17.92 -6.23 -14.79
C LYS A 51 -19.21 -5.56 -14.35
N LYS A 52 -19.75 -5.99 -13.20
CA LYS A 52 -21.02 -5.51 -12.64
C LYS A 52 -20.71 -4.60 -11.47
N VAL A 53 -21.11 -3.34 -11.58
CA VAL A 53 -20.87 -2.36 -10.51
C VAL A 53 -22.11 -1.54 -10.24
N LEU A 54 -22.19 -1.01 -9.02
CA LEU A 54 -23.31 -0.20 -8.57
C LEU A 54 -23.33 1.11 -9.37
N GLN A 55 -24.52 1.51 -9.83
CA GLN A 55 -24.66 2.74 -10.61
C GLN A 55 -25.16 3.87 -9.73
N ASP A 56 -24.42 4.98 -9.74
CA ASP A 56 -24.69 6.15 -8.93
C ASP A 56 -25.80 6.91 -9.63
N LYS A 57 -26.78 7.38 -8.85
CA LYS A 57 -27.97 8.01 -9.37
C LYS A 57 -27.83 9.51 -9.63
N ARG A 58 -26.75 10.14 -9.12
CA ARG A 58 -26.40 11.54 -9.47
C ARG A 58 -25.76 11.56 -10.87
N PHE A 59 -24.48 11.18 -10.98
CA PHE A 59 -23.75 11.23 -12.27
C PHE A 59 -23.74 9.87 -12.96
N LYS A 60 -23.55 9.90 -14.28
CA LYS A 60 -23.33 8.70 -15.09
C LYS A 60 -21.88 8.25 -14.90
N ASN A 61 -21.65 6.94 -15.02
CA ASN A 61 -20.39 6.26 -14.68
C ASN A 61 -19.17 6.66 -15.52
N ARG A 62 -18.14 7.23 -14.87
CA ARG A 62 -16.94 7.82 -15.53
C ARG A 62 -16.18 6.76 -16.34
N GLU A 63 -16.11 5.52 -15.83
CA GLU A 63 -15.44 4.43 -16.54
C GLU A 63 -16.14 4.21 -17.87
N LEU A 64 -17.46 3.99 -17.83
CA LEU A 64 -18.28 3.79 -19.03
C LEU A 64 -18.05 4.89 -20.08
N GLN A 65 -18.16 6.14 -19.64
CA GLN A 65 -17.98 7.30 -20.53
C GLN A 65 -16.64 7.27 -21.23
N ILE A 66 -15.59 6.86 -20.50
CA ILE A 66 -14.26 6.75 -21.06
C ILE A 66 -14.12 5.55 -22.00
N MET A 67 -14.69 4.40 -21.64
CA MET A 67 -14.60 3.18 -22.45
C MET A 67 -15.22 3.35 -23.84
N ARG A 68 -16.31 4.12 -23.93
CA ARG A 68 -17.06 4.35 -25.20
C ARG A 68 -16.21 5.21 -26.16
N LYS A 69 -15.46 6.18 -25.63
CA LYS A 69 -14.59 7.06 -26.43
C LYS A 69 -13.25 6.44 -26.86
N LEU A 70 -13.03 5.16 -26.53
CA LEU A 70 -11.77 4.46 -26.81
C LEU A 70 -11.96 3.36 -27.82
N ASP A 71 -11.01 3.27 -28.76
CA ASP A 71 -10.90 2.17 -29.71
C ASP A 71 -9.42 2.05 -30.05
N HIS A 72 -8.79 0.99 -29.55
CA HIS A 72 -7.36 0.76 -29.76
C HIS A 72 -7.05 -0.70 -29.57
N CYS A 73 -6.15 -1.19 -30.43
CA CYS A 73 -5.72 -2.57 -30.53
C CYS A 73 -5.15 -3.16 -29.21
N ASN A 74 -4.69 -2.27 -28.31
CA ASN A 74 -4.09 -2.62 -27.02
C ASN A 74 -4.88 -2.10 -25.80
N ILE A 75 -6.22 -2.20 -25.89
CA ILE A 75 -7.15 -1.77 -24.86
C ILE A 75 -8.37 -2.68 -24.98
N VAL A 76 -8.80 -3.28 -23.85
CA VAL A 76 -9.95 -4.19 -23.87
C VAL A 76 -11.15 -3.54 -24.52
N ARG A 77 -11.87 -4.32 -25.33
CA ARG A 77 -13.03 -3.84 -26.11
C ARG A 77 -14.28 -3.99 -25.24
N LEU A 78 -14.97 -2.89 -25.00
CA LEU A 78 -16.32 -2.89 -24.50
C LEU A 78 -17.20 -3.32 -25.66
N ARG A 79 -17.78 -4.51 -25.57
CA ARG A 79 -18.67 -5.08 -26.62
C ARG A 79 -20.08 -4.48 -26.46
N TYR A 80 -20.64 -4.58 -25.26
CA TYR A 80 -21.96 -4.04 -24.88
C TYR A 80 -21.89 -3.53 -23.44
N PHE A 81 -22.89 -2.74 -23.06
CA PHE A 81 -23.11 -2.38 -21.67
C PHE A 81 -24.62 -2.30 -21.48
N PHE A 82 -25.07 -2.73 -20.31
CA PHE A 82 -26.48 -2.73 -19.96
C PHE A 82 -26.66 -2.51 -18.47
N TYR A 83 -27.91 -2.41 -18.05
CA TYR A 83 -28.30 -2.19 -16.63
C TYR A 83 -29.18 -3.34 -16.14
N SER A 84 -29.06 -3.67 -14.85
CA SER A 84 -29.85 -4.69 -14.18
C SER A 84 -29.84 -4.41 -12.66
N SER A 85 -30.46 -5.31 -11.88
CA SER A 85 -30.33 -5.30 -10.44
C SER A 85 -30.16 -6.75 -9.92
N GLY A 86 -30.50 -6.96 -8.64
CA GLY A 86 -30.62 -8.30 -8.06
C GLY A 86 -31.46 -8.35 -6.78
N GLU A 87 -32.59 -9.07 -6.82
CA GLU A 87 -33.65 -9.04 -5.78
C GLU A 87 -34.27 -7.63 -5.65
N LYS A 88 -35.05 -7.43 -4.58
CA LYS A 88 -35.74 -6.14 -4.32
C LYS A 88 -34.80 -4.93 -4.53
N LYS A 89 -33.67 -4.92 -3.80
CA LYS A 89 -32.58 -3.95 -3.91
C LYS A 89 -32.90 -2.44 -4.00
N ASP A 90 -33.73 -2.04 -4.97
CA ASP A 90 -33.99 -0.62 -5.33
C ASP A 90 -32.71 0.16 -5.67
N GLU A 91 -31.70 -0.57 -6.17
CA GLU A 91 -30.40 -0.05 -6.54
C GLU A 91 -30.04 -0.64 -7.93
N VAL A 92 -29.51 0.21 -8.81
CA VAL A 92 -29.17 -0.20 -10.18
C VAL A 92 -27.68 -0.50 -10.40
N TYR A 93 -27.41 -1.56 -11.16
CA TYR A 93 -26.06 -2.03 -11.54
C TYR A 93 -25.79 -1.74 -13.03
N LEU A 94 -24.55 -1.31 -13.33
CA LEU A 94 -24.02 -1.17 -14.66
C LEU A 94 -23.21 -2.43 -14.95
N ASN A 95 -23.50 -3.08 -16.09
CA ASN A 95 -22.81 -4.29 -16.52
C ASN A 95 -22.01 -4.01 -17.78
N LEU A 96 -20.68 -4.02 -17.66
CA LEU A 96 -19.76 -3.86 -18.80
C LEU A 96 -19.35 -5.22 -19.40
N VAL A 97 -19.82 -5.52 -20.61
CA VAL A 97 -19.47 -6.75 -21.33
C VAL A 97 -18.19 -6.50 -22.14
N LEU A 98 -17.15 -7.27 -21.86
CA LEU A 98 -15.82 -7.08 -22.45
C LEU A 98 -15.33 -8.37 -23.06
N ASP A 99 -14.45 -8.24 -24.05
CA ASP A 99 -13.78 -9.37 -24.66
C ASP A 99 -12.95 -10.02 -23.56
N TYR A 100 -13.20 -11.32 -23.31
CA TYR A 100 -12.45 -12.12 -22.31
C TYR A 100 -11.02 -12.37 -22.83
N VAL A 101 -10.03 -12.11 -21.98
CA VAL A 101 -8.63 -12.34 -22.30
C VAL A 101 -8.09 -13.29 -21.23
N PRO A 102 -7.51 -14.44 -21.59
CA PRO A 102 -7.27 -15.52 -20.62
C PRO A 102 -6.26 -15.21 -19.51
N GLU A 103 -5.16 -14.53 -19.81
CA GLU A 103 -4.10 -14.32 -18.84
C GLU A 103 -3.87 -12.84 -18.51
N THR A 104 -2.97 -12.60 -17.56
CA THR A 104 -2.49 -11.27 -17.21
C THR A 104 -0.99 -11.31 -17.02
N VAL A 105 -0.35 -10.15 -17.19
CA VAL A 105 1.09 -10.05 -17.01
C VAL A 105 1.43 -10.50 -15.60
N TYR A 106 0.60 -10.10 -14.63
CA TYR A 106 0.77 -10.43 -13.19
C TYR A 106 0.93 -11.95 -13.04
N ARG A 107 -0.06 -12.70 -13.53
CA ARG A 107 -0.15 -14.17 -13.37
C ARG A 107 1.04 -14.83 -14.06
N VAL A 108 1.35 -14.41 -15.29
CA VAL A 108 2.46 -14.95 -16.05
C VAL A 108 3.77 -14.62 -15.34
N ALA A 109 3.98 -13.34 -15.01
CA ALA A 109 5.19 -12.89 -14.35
C ALA A 109 5.53 -13.76 -13.16
N ARG A 110 4.49 -14.20 -12.44
CA ARG A 110 4.62 -14.94 -11.16
C ARG A 110 4.78 -16.44 -11.42
N HIS A 111 4.27 -16.97 -12.54
CA HIS A 111 4.54 -18.37 -12.90
C HIS A 111 6.04 -18.55 -13.09
N TYR A 112 6.67 -17.60 -13.78
CA TYR A 112 8.13 -17.57 -14.06
C TYR A 112 8.89 -17.33 -12.74
N SER A 113 8.34 -16.49 -11.86
CA SER A 113 8.97 -16.16 -10.58
C SER A 113 9.05 -17.35 -9.62
N ARG A 114 7.93 -18.06 -9.49
CA ARG A 114 7.76 -19.27 -8.63
C ARG A 114 8.69 -20.38 -9.11
N ALA A 115 8.79 -20.57 -10.43
CA ALA A 115 9.70 -21.54 -11.03
C ALA A 115 11.07 -20.91 -11.28
N LYS A 116 11.47 -20.01 -10.37
CA LYS A 116 12.75 -19.29 -10.38
C LYS A 116 13.40 -19.11 -11.78
N GLN A 117 12.68 -18.42 -12.67
CA GLN A 117 13.11 -18.07 -14.03
C GLN A 117 12.63 -16.65 -14.33
N THR A 118 13.25 -16.00 -15.32
CA THR A 118 12.73 -14.75 -15.89
C THR A 118 12.13 -14.97 -17.28
N LEU A 119 11.06 -14.23 -17.55
CA LEU A 119 10.39 -14.17 -18.84
C LEU A 119 11.40 -13.84 -19.94
N PRO A 120 11.43 -14.59 -21.08
CA PRO A 120 12.33 -14.25 -22.20
C PRO A 120 12.16 -12.80 -22.65
N VAL A 121 13.27 -12.10 -22.86
CA VAL A 121 13.30 -10.65 -23.10
C VAL A 121 12.43 -10.23 -24.29
N ILE A 122 12.28 -11.14 -25.26
CA ILE A 122 11.41 -10.90 -26.41
C ILE A 122 9.97 -10.56 -25.97
N TYR A 123 9.46 -11.31 -25.00
CA TYR A 123 8.09 -11.14 -24.42
C TYR A 123 8.04 -9.83 -23.63
N VAL A 124 9.13 -9.48 -22.93
CA VAL A 124 9.23 -8.22 -22.21
C VAL A 124 9.06 -7.06 -23.18
N LYS A 125 9.82 -7.10 -24.30
CA LYS A 125 9.74 -6.09 -25.35
C LYS A 125 8.33 -5.95 -25.90
N LEU A 126 7.73 -7.07 -26.30
CA LEU A 126 6.39 -7.07 -26.87
C LEU A 126 5.38 -6.42 -25.94
N TYR A 127 5.32 -6.92 -24.70
CA TYR A 127 4.35 -6.48 -23.66
C TYR A 127 4.56 -4.98 -23.38
N MET A 128 5.81 -4.56 -23.14
CA MET A 128 6.08 -3.20 -22.77
C MET A 128 5.74 -2.20 -23.88
N TYR A 129 6.11 -2.54 -25.12
CA TYR A 129 5.80 -1.74 -26.33
C TYR A 129 4.28 -1.56 -26.42
N GLN A 130 3.54 -2.67 -26.37
CA GLN A 130 2.09 -2.63 -26.49
C GLN A 130 1.42 -1.79 -25.39
N LEU A 131 2.01 -1.78 -24.19
CA LEU A 131 1.53 -0.94 -23.10
C LEU A 131 1.72 0.53 -23.48
N PHE A 132 2.95 0.90 -23.83
CA PHE A 132 3.26 2.28 -24.19
C PHE A 132 2.39 2.82 -25.34
N ARG A 133 2.04 1.96 -26.29
CA ARG A 133 1.08 2.32 -27.37
C ARG A 133 -0.27 2.68 -26.74
N SER A 134 -0.78 1.83 -25.84
CA SER A 134 -2.08 2.04 -25.21
C SER A 134 -2.06 3.33 -24.39
N LEU A 135 -0.94 3.60 -23.72
CA LEU A 135 -0.76 4.83 -22.95
C LEU A 135 -0.74 6.03 -23.87
N ALA A 136 0.10 5.96 -24.91
CA ALA A 136 0.18 6.99 -25.95
C ALA A 136 -1.19 7.40 -26.49
N TYR A 137 -2.03 6.40 -26.78
CA TYR A 137 -3.39 6.57 -27.33
C TYR A 137 -4.25 7.35 -26.34
N ILE A 138 -4.40 6.84 -25.11
CA ILE A 138 -5.28 7.47 -24.12
C ILE A 138 -4.75 8.83 -23.66
N HIS A 139 -3.43 8.95 -23.49
CA HIS A 139 -2.84 10.21 -23.11
C HIS A 139 -3.16 11.28 -24.13
N SER A 140 -3.21 10.89 -25.41
CA SER A 140 -3.56 11.80 -26.52
C SER A 140 -4.96 12.43 -26.37
N PHE A 141 -5.85 11.80 -25.60
CA PHE A 141 -7.13 12.37 -25.24
C PHE A 141 -7.08 13.17 -23.92
N GLY A 142 -5.89 13.29 -23.33
CA GLY A 142 -5.72 13.87 -21.99
C GLY A 142 -6.16 12.99 -20.82
N ILE A 143 -6.34 11.68 -21.08
CA ILE A 143 -6.75 10.69 -20.09
C ILE A 143 -5.57 9.96 -19.47
N CYS A 144 -5.57 9.90 -18.14
CA CYS A 144 -4.58 9.17 -17.35
C CYS A 144 -5.26 7.95 -16.74
N HIS A 145 -4.57 6.81 -16.75
CA HIS A 145 -5.11 5.55 -16.27
C HIS A 145 -5.12 5.52 -14.73
N ARG A 146 -3.97 5.90 -14.17
CA ARG A 146 -3.72 6.14 -12.72
C ARG A 146 -3.73 4.81 -11.94
N ASP A 147 -3.57 3.67 -12.62
CA ASP A 147 -3.52 2.40 -11.93
C ASP A 147 -2.86 1.35 -12.79
N ILE A 148 -1.76 1.75 -13.44
CA ILE A 148 -0.94 0.81 -14.18
C ILE A 148 -0.33 -0.12 -13.16
N LYS A 149 -0.57 -1.42 -13.37
CA LYS A 149 0.04 -2.49 -12.61
C LYS A 149 -0.16 -3.80 -13.37
N PRO A 150 0.70 -4.81 -13.12
CA PRO A 150 0.63 -6.07 -13.87
C PRO A 150 -0.76 -6.72 -13.89
N GLN A 151 -1.55 -6.56 -12.83
CA GLN A 151 -2.87 -7.20 -12.74
C GLN A 151 -3.83 -6.62 -13.78
N ASN A 152 -3.57 -5.39 -14.23
CA ASN A 152 -4.38 -4.71 -15.24
C ASN A 152 -3.83 -4.75 -16.68
N LEU A 153 -2.89 -5.67 -16.94
CA LEU A 153 -2.33 -5.92 -18.26
C LEU A 153 -2.73 -7.32 -18.68
N LEU A 154 -3.77 -7.41 -19.51
CA LEU A 154 -4.30 -8.68 -20.01
C LEU A 154 -3.42 -9.20 -21.14
N LEU A 155 -3.42 -10.52 -21.31
CA LEU A 155 -2.55 -11.21 -22.27
C LEU A 155 -3.25 -12.36 -22.91
N ASP A 156 -3.02 -12.54 -24.21
CA ASP A 156 -3.29 -13.78 -24.87
C ASP A 156 -1.91 -14.39 -25.09
N PRO A 157 -1.58 -15.52 -24.42
CA PRO A 157 -0.23 -16.07 -24.48
C PRO A 157 0.16 -16.54 -25.90
N ASP A 158 -0.82 -17.02 -26.68
CA ASP A 158 -0.59 -17.53 -28.02
C ASP A 158 -0.20 -16.42 -28.98
N THR A 159 -0.93 -15.30 -28.94
CA THR A 159 -0.75 -14.21 -29.89
C THR A 159 0.21 -13.12 -29.42
N ALA A 160 0.53 -13.13 -28.12
CA ALA A 160 1.37 -12.12 -27.46
C ALA A 160 0.70 -10.74 -27.40
N VAL A 161 -0.61 -10.70 -27.65
CA VAL A 161 -1.37 -9.47 -27.69
C VAL A 161 -1.60 -9.04 -26.26
N LEU A 162 -1.32 -7.76 -25.96
CA LEU A 162 -1.52 -7.20 -24.62
C LEU A 162 -2.60 -6.14 -24.67
N LYS A 163 -3.42 -6.08 -23.62
CA LYS A 163 -4.52 -5.14 -23.53
C LYS A 163 -4.62 -4.57 -22.12
N LEU A 164 -4.62 -3.22 -22.06
CA LEU A 164 -4.78 -2.46 -20.83
C LEU A 164 -6.26 -2.46 -20.42
N CYS A 165 -6.52 -2.68 -19.13
CA CYS A 165 -7.89 -2.75 -18.57
C CYS A 165 -7.98 -2.08 -17.20
N ASP A 166 -9.20 -2.12 -16.62
CA ASP A 166 -9.55 -1.42 -15.37
C ASP A 166 -9.38 0.08 -15.54
N PHE A 167 -10.44 0.74 -15.99
CA PHE A 167 -10.44 2.18 -16.19
C PHE A 167 -11.24 2.85 -15.08
N GLY A 168 -11.46 2.10 -13.99
CA GLY A 168 -12.10 2.59 -12.78
C GLY A 168 -11.48 3.80 -12.10
N SER A 169 -10.14 3.93 -12.17
CA SER A 169 -9.41 5.09 -11.62
C SER A 169 -9.11 6.16 -12.68
N ALA A 170 -9.42 5.83 -13.95
CA ALA A 170 -9.02 6.65 -15.09
C ALA A 170 -9.79 7.95 -15.15
N LYS A 171 -9.10 9.02 -15.55
CA LYS A 171 -9.67 10.37 -15.56
C LYS A 171 -8.96 11.36 -16.48
N GLN A 172 -9.79 12.14 -17.18
CA GLN A 172 -9.34 13.23 -18.02
C GLN A 172 -8.68 14.27 -17.13
N LEU A 173 -7.34 14.30 -17.11
CA LEU A 173 -6.60 15.30 -16.35
C LEU A 173 -6.60 16.61 -17.10
N VAL A 174 -6.91 17.71 -16.39
CA VAL A 174 -6.92 19.06 -16.97
C VAL A 174 -6.02 20.01 -16.18
N ARG A 175 -4.97 20.54 -16.82
CA ARG A 175 -4.00 21.45 -16.16
C ARG A 175 -4.80 22.57 -15.48
N GLY A 176 -4.41 22.94 -14.25
CA GLY A 176 -5.16 23.88 -13.44
C GLY A 176 -6.08 23.23 -12.42
N GLU A 177 -6.76 22.15 -12.83
CA GLU A 177 -7.67 21.39 -11.95
C GLU A 177 -6.90 20.34 -11.14
N PRO A 178 -7.16 20.22 -9.80
CA PRO A 178 -6.40 19.30 -8.96
C PRO A 178 -7.07 17.92 -8.88
N ASN A 179 -6.28 16.88 -8.61
CA ASN A 179 -6.79 15.52 -8.51
C ASN A 179 -6.27 14.80 -7.30
N VAL A 180 -7.10 13.86 -6.79
CA VAL A 180 -6.79 13.07 -5.60
C VAL A 180 -5.46 12.36 -5.74
N SER A 181 -4.67 12.33 -4.67
CA SER A 181 -3.34 11.74 -4.70
C SER A 181 -3.32 10.31 -4.14
N TYR A 182 -4.49 9.70 -3.98
CA TYR A 182 -4.67 8.39 -3.30
C TYR A 182 -5.03 7.30 -4.31
N ILE A 183 -4.61 7.43 -5.58
CA ILE A 183 -5.11 6.57 -6.68
C ILE A 183 -4.41 5.26 -7.11
N CYS A 184 -3.09 5.32 -7.25
CA CYS A 184 -2.37 4.27 -7.96
C CYS A 184 -2.09 3.14 -6.98
N SER A 185 -1.93 1.90 -7.43
CA SER A 185 -1.63 0.77 -6.54
C SER A 185 -0.24 0.86 -5.96
N ARG A 186 -0.02 0.11 -4.88
CA ARG A 186 1.04 0.33 -3.84
C ARG A 186 2.45 0.47 -4.45
N TYR A 187 2.94 -0.50 -5.22
CA TYR A 187 4.37 -0.56 -5.64
C TYR A 187 4.67 0.35 -6.85
N TYR A 188 3.60 0.74 -7.56
CA TYR A 188 3.62 1.39 -8.90
C TYR A 188 3.30 2.89 -8.77
N ARG A 189 3.21 3.37 -7.52
CA ARG A 189 2.97 4.80 -7.19
C ARG A 189 4.23 5.61 -7.54
N ALA A 190 4.02 6.76 -8.17
CA ALA A 190 5.07 7.70 -8.54
C ALA A 190 5.39 8.59 -7.35
N PRO A 191 6.66 9.01 -7.17
CA PRO A 191 7.06 9.76 -5.98
C PRO A 191 6.13 10.96 -5.69
N GLU A 192 5.73 11.71 -6.72
CA GLU A 192 4.87 12.87 -6.56
C GLU A 192 3.53 12.49 -5.90
N LEU A 193 3.02 11.29 -6.17
CA LEU A 193 1.81 10.74 -5.52
C LEU A 193 2.03 10.36 -4.04
N ILE A 194 3.20 9.78 -3.74
CA ILE A 194 3.58 9.46 -2.37
C ILE A 194 3.65 10.75 -1.57
N PHE A 195 4.30 11.77 -2.14
CA PHE A 195 4.35 13.12 -1.56
C PHE A 195 3.02 13.87 -1.64
N GLY A 196 1.95 13.16 -2.03
CA GLY A 196 0.59 13.66 -1.96
C GLY A 196 0.25 14.82 -2.88
N ALA A 197 1.06 15.04 -3.91
CA ALA A 197 0.83 16.09 -4.90
C ALA A 197 -0.54 15.91 -5.55
N THR A 198 -1.20 17.02 -5.89
CA THR A 198 -2.45 16.99 -6.66
C THR A 198 -2.38 17.74 -7.99
N ASP A 199 -1.17 18.24 -8.32
CA ASP A 199 -0.85 18.91 -9.58
C ASP A 199 -0.16 17.94 -10.57
N TYR A 200 -0.37 16.63 -10.37
CA TYR A 200 0.33 15.56 -11.14
C TYR A 200 -0.24 15.51 -12.57
N THR A 201 0.54 14.99 -13.51
CA THR A 201 0.20 14.90 -14.92
C THR A 201 0.02 13.43 -15.32
N SER A 202 0.02 13.13 -16.62
CA SER A 202 -0.06 11.74 -17.06
C SER A 202 1.26 10.99 -16.91
N SER A 203 2.33 11.70 -16.50
CA SER A 203 3.65 11.08 -16.36
C SER A 203 3.70 10.07 -15.23
N ILE A 204 2.70 10.10 -14.34
CA ILE A 204 2.56 9.06 -13.30
C ILE A 204 2.40 7.66 -13.91
N ASP A 205 1.69 7.58 -15.05
CA ASP A 205 1.53 6.33 -15.79
C ASP A 205 2.84 5.81 -16.33
N VAL A 206 3.72 6.74 -16.70
CA VAL A 206 5.04 6.38 -17.24
C VAL A 206 5.92 5.83 -16.12
N TRP A 207 5.86 6.45 -14.94
CA TRP A 207 6.57 5.96 -13.78
C TRP A 207 6.08 4.54 -13.52
N SER A 208 4.75 4.38 -13.43
CA SER A 208 4.11 3.09 -13.18
C SER A 208 4.60 2.02 -14.15
N ALA A 209 4.64 2.39 -15.44
CA ALA A 209 5.08 1.48 -16.49
C ALA A 209 6.55 1.08 -16.28
N GLY A 210 7.40 2.05 -15.96
CA GLY A 210 8.79 1.81 -15.61
C GLY A 210 8.94 0.76 -14.53
N CYS A 211 8.07 0.82 -13.52
CA CYS A 211 8.06 -0.15 -12.42
C CYS A 211 7.69 -1.55 -12.89
N VAL A 212 6.88 -1.64 -13.96
CA VAL A 212 6.47 -2.92 -14.53
C VAL A 212 7.62 -3.52 -15.33
N LEU A 213 8.30 -2.67 -16.11
CA LEU A 213 9.44 -3.13 -16.88
C LEU A 213 10.47 -3.76 -15.91
N ALA A 214 10.94 -2.97 -14.95
CA ALA A 214 11.95 -3.40 -14.00
C ALA A 214 11.55 -4.72 -13.33
N GLU A 215 10.27 -4.84 -12.97
CA GLU A 215 9.73 -6.02 -12.30
C GLU A 215 9.79 -7.26 -13.18
N LEU A 216 9.59 -7.08 -14.49
CA LEU A 216 9.71 -8.16 -15.45
C LEU A 216 11.17 -8.58 -15.63
N LEU A 217 12.09 -7.61 -15.52
CA LEU A 217 13.52 -7.88 -15.59
C LEU A 217 14.03 -8.54 -14.31
N LEU A 218 13.72 -7.93 -13.16
CA LEU A 218 14.15 -8.44 -11.84
C LEU A 218 13.41 -9.69 -11.38
N GLY A 219 12.18 -9.89 -11.85
CA GLY A 219 11.34 -11.01 -11.45
C GLY A 219 10.71 -10.79 -10.10
N GLN A 220 10.65 -9.53 -9.66
CA GLN A 220 9.98 -9.14 -8.43
C GLN A 220 9.87 -7.62 -8.41
N PRO A 221 8.93 -7.03 -7.64
CA PRO A 221 8.76 -5.58 -7.61
C PRO A 221 10.07 -4.84 -7.24
N ILE A 222 10.32 -3.70 -7.90
CA ILE A 222 11.55 -2.94 -7.65
C ILE A 222 11.44 -1.98 -6.46
N PHE A 223 10.26 -1.40 -6.25
CA PHE A 223 10.05 -0.43 -5.16
C PHE A 223 8.99 -0.86 -4.16
N PRO A 224 9.22 -1.98 -3.43
CA PRO A 224 8.22 -2.52 -2.51
C PRO A 224 8.19 -1.80 -1.16
N GLY A 225 7.25 -2.17 -0.30
CA GLY A 225 7.14 -1.63 1.03
C GLY A 225 5.72 -1.33 1.41
N ASP A 226 5.42 -1.52 2.70
CA ASP A 226 4.09 -1.39 3.25
C ASP A 226 3.67 0.06 3.44
N SER A 227 4.65 0.93 3.67
CA SER A 227 4.42 2.36 3.90
C SER A 227 5.03 3.21 2.80
N GLY A 228 4.54 4.45 2.68
CA GLY A 228 5.11 5.44 1.78
C GLY A 228 6.60 5.61 2.03
N VAL A 229 6.95 5.63 3.32
CA VAL A 229 8.33 5.77 3.77
C VAL A 229 9.19 4.61 3.28
N ASP A 230 8.72 3.38 3.51
CA ASP A 230 9.44 2.19 3.11
C ASP A 230 9.72 2.16 1.61
N GLN A 231 8.77 2.65 0.82
CA GLN A 231 8.89 2.73 -0.63
C GLN A 231 9.93 3.77 -1.04
N LEU A 232 9.79 4.98 -0.47
CA LEU A 232 10.71 6.08 -0.73
C LEU A 232 12.17 5.72 -0.44
N VAL A 233 12.38 4.84 0.55
CA VAL A 233 13.72 4.35 0.83
C VAL A 233 14.23 3.52 -0.34
N GLU A 234 13.43 2.54 -0.77
CA GLU A 234 13.80 1.64 -1.86
C GLU A 234 14.09 2.43 -3.13
N ILE A 235 13.33 3.51 -3.36
CA ILE A 235 13.53 4.42 -4.48
C ILE A 235 14.85 5.19 -4.34
N ILE A 236 15.09 5.74 -3.15
CA ILE A 236 16.30 6.49 -2.84
C ILE A 236 17.53 5.59 -2.96
N LYS A 237 17.40 4.34 -2.53
CA LYS A 237 18.45 3.35 -2.66
C LYS A 237 18.92 3.25 -4.11
N VAL A 238 17.97 3.28 -5.06
CA VAL A 238 18.24 3.05 -6.46
C VAL A 238 18.58 4.35 -7.20
N LEU A 239 17.71 5.35 -7.10
CA LEU A 239 17.87 6.66 -7.76
C LEU A 239 18.81 7.63 -7.05
N GLY A 240 19.13 7.34 -5.77
CA GLY A 240 19.86 8.27 -4.93
C GLY A 240 18.92 9.32 -4.37
N THR A 241 19.48 10.18 -3.52
CA THR A 241 18.68 11.18 -2.80
C THR A 241 18.34 12.33 -3.73
N PRO A 242 17.04 12.69 -3.88
CA PRO A 242 16.64 13.75 -4.81
C PRO A 242 17.21 15.13 -4.38
N THR A 243 17.65 15.93 -5.36
CA THR A 243 18.14 17.27 -5.12
C THR A 243 16.97 18.19 -4.79
N ARG A 244 17.22 19.24 -4.00
CA ARG A 244 16.20 20.21 -3.52
C ARG A 244 15.32 20.64 -4.71
N GLU A 245 15.93 20.82 -5.88
CA GLU A 245 15.22 21.13 -7.10
C GLU A 245 14.16 20.06 -7.41
N GLN A 246 14.59 18.80 -7.49
CA GLN A 246 13.71 17.68 -7.86
C GLN A 246 12.48 17.56 -6.97
N ILE A 247 12.67 17.65 -5.64
CA ILE A 247 11.57 17.62 -4.69
C ILE A 247 10.57 18.74 -4.96
N ARG A 248 11.09 19.89 -5.40
CA ARG A 248 10.28 21.10 -5.72
C ARG A 248 9.42 20.81 -6.97
N GLU A 249 9.93 19.97 -7.88
CA GLU A 249 9.26 19.62 -9.13
C GLU A 249 8.13 18.59 -8.94
N MET A 250 8.37 17.61 -8.05
CA MET A 250 7.45 16.51 -7.75
C MET A 250 6.19 17.07 -7.05
N ASN A 251 6.34 17.39 -5.76
CA ASN A 251 5.35 18.11 -4.97
C ASN A 251 5.98 19.41 -4.48
N PRO A 252 5.58 20.58 -5.03
CA PRO A 252 6.13 21.86 -4.62
C PRO A 252 5.90 22.13 -3.12
N ASN A 253 4.76 21.67 -2.59
CA ASN A 253 4.37 21.82 -1.18
C ASN A 253 5.35 21.24 -0.17
N TYR A 254 6.49 20.73 -0.67
CA TYR A 254 7.67 20.26 0.12
C TYR A 254 7.15 19.77 1.48
N THR A 255 6.66 18.51 1.55
CA THR A 255 5.84 18.00 2.68
C THR A 255 6.48 18.09 4.09
N GLU A 256 7.82 18.01 4.15
CA GLU A 256 8.68 18.47 5.28
C GLU A 256 9.59 17.41 5.97
N PHE A 257 10.04 16.39 5.23
CA PHE A 257 10.90 15.30 5.78
C PHE A 257 12.34 15.46 5.23
N LYS A 258 13.33 15.19 6.09
CA LYS A 258 14.75 15.01 5.73
C LYS A 258 15.02 13.52 5.43
N PHE A 259 15.33 13.23 4.15
CA PHE A 259 15.61 11.88 3.65
C PHE A 259 17.07 11.59 3.96
N PRO A 260 17.48 10.32 4.18
CA PRO A 260 18.89 9.97 4.31
C PRO A 260 19.63 10.20 2.98
N GLN A 261 20.91 10.59 3.05
CA GLN A 261 21.71 10.96 1.87
C GLN A 261 22.48 9.77 1.31
N ILE A 262 21.97 9.20 0.21
CA ILE A 262 22.55 8.04 -0.46
C ILE A 262 22.85 8.38 -1.93
N LYS A 263 24.01 7.90 -2.41
CA LYS A 263 24.41 7.97 -3.82
C LYS A 263 23.56 6.98 -4.65
N ALA A 264 23.40 7.30 -5.94
CA ALA A 264 22.69 6.41 -6.87
C ALA A 264 23.44 5.08 -7.02
N HIS A 265 22.71 3.98 -6.87
CA HIS A 265 23.21 2.63 -7.13
C HIS A 265 23.40 2.55 -8.65
N PRO A 266 24.63 2.35 -9.17
CA PRO A 266 24.85 2.31 -10.62
C PRO A 266 23.79 1.40 -11.27
N TRP A 267 22.83 2.02 -11.97
CA TRP A 267 21.69 1.34 -12.58
C TRP A 267 21.99 -0.08 -13.13
N THR A 268 23.16 -0.27 -13.72
CA THR A 268 23.57 -1.58 -14.29
C THR A 268 23.79 -2.63 -13.19
N LYS A 269 24.17 -2.17 -11.99
CA LYS A 269 24.37 -3.03 -10.82
C LYS A 269 23.07 -3.35 -10.06
N VAL A 270 21.93 -3.07 -10.71
CA VAL A 270 20.60 -3.34 -10.17
C VAL A 270 20.02 -4.65 -10.69
N PHE A 271 20.38 -5.03 -11.92
CA PHE A 271 19.79 -6.18 -12.59
C PHE A 271 20.79 -7.30 -12.79
N ARG A 272 20.25 -8.50 -13.08
CA ARG A 272 21.02 -9.74 -13.39
C ARG A 272 22.14 -9.40 -14.36
N PRO A 273 23.23 -10.21 -14.44
CA PRO A 273 24.41 -9.83 -15.21
C PRO A 273 24.19 -9.68 -16.72
N ARG A 274 23.40 -10.55 -17.35
CA ARG A 274 23.23 -10.56 -18.83
C ARG A 274 22.01 -9.71 -19.23
N THR A 275 21.58 -8.78 -18.38
CA THR A 275 20.42 -7.95 -18.65
C THR A 275 20.73 -6.97 -19.77
N PRO A 276 19.95 -7.00 -20.89
CA PRO A 276 20.20 -6.10 -22.01
C PRO A 276 20.40 -4.66 -21.54
N PRO A 277 21.49 -3.97 -21.93
CA PRO A 277 21.76 -2.62 -21.42
C PRO A 277 20.75 -1.58 -21.94
N GLU A 278 20.13 -1.81 -23.11
CA GLU A 278 19.12 -0.90 -23.63
C GLU A 278 17.87 -0.94 -22.75
N ALA A 279 17.56 -2.13 -22.21
CA ALA A 279 16.48 -2.32 -21.23
C ALA A 279 16.73 -1.48 -19.98
N ILE A 280 17.97 -1.50 -19.51
CA ILE A 280 18.41 -0.74 -18.34
C ILE A 280 18.31 0.77 -18.62
N ALA A 281 18.85 1.20 -19.76
CA ALA A 281 18.75 2.58 -20.21
C ALA A 281 17.29 3.05 -20.17
N LEU A 282 16.41 2.29 -20.83
CA LEU A 282 14.99 2.61 -20.87
C LEU A 282 14.44 2.83 -19.47
N CYS A 283 14.79 1.94 -18.54
CA CYS A 283 14.27 2.03 -17.15
C CYS A 283 14.51 3.40 -16.55
N SER A 284 15.75 3.88 -16.70
CA SER A 284 16.21 5.07 -16.02
C SER A 284 15.62 6.33 -16.59
N ARG A 285 15.06 6.22 -17.79
CA ARG A 285 14.46 7.35 -18.55
C ARG A 285 12.96 7.40 -18.28
N LEU A 286 12.45 6.40 -17.55
CA LEU A 286 11.06 6.30 -17.11
C LEU A 286 10.97 6.59 -15.60
N LEU A 287 11.90 5.98 -14.87
CA LEU A 287 12.04 6.16 -13.42
C LEU A 287 12.97 7.34 -13.12
N GLU A 288 12.50 8.54 -13.47
CA GLU A 288 13.13 9.81 -13.11
C GLU A 288 12.24 10.45 -12.06
N TYR A 289 12.86 11.13 -11.08
CA TYR A 289 12.14 11.93 -10.05
C TYR A 289 11.27 12.97 -10.77
N THR A 290 11.92 13.91 -11.45
CA THR A 290 11.27 15.01 -12.14
C THR A 290 10.25 14.49 -13.17
N PRO A 291 8.92 14.71 -12.95
CA PRO A 291 7.89 14.20 -13.85
C PRO A 291 8.07 14.54 -15.34
N THR A 292 8.53 15.76 -15.62
CA THR A 292 8.72 16.24 -16.99
C THR A 292 9.93 15.61 -17.68
N ALA A 293 10.92 15.16 -16.89
CA ALA A 293 12.15 14.54 -17.41
C ALA A 293 11.98 13.07 -17.84
N ARG A 294 10.78 12.50 -17.65
CA ARG A 294 10.45 11.12 -18.03
C ARG A 294 10.01 11.10 -19.50
N LEU A 295 10.35 10.04 -20.25
CA LEU A 295 9.89 9.86 -21.62
C LEU A 295 8.38 9.93 -21.71
N THR A 296 7.88 10.38 -22.86
CA THR A 296 6.48 10.22 -23.20
C THR A 296 6.28 8.77 -23.60
N PRO A 297 5.02 8.24 -23.60
CA PRO A 297 4.79 6.88 -24.08
C PRO A 297 5.34 6.69 -25.51
N LEU A 298 5.08 7.66 -26.39
CA LEU A 298 5.45 7.58 -27.79
C LEU A 298 6.96 7.52 -27.96
N GLU A 299 7.69 8.35 -27.20
CA GLU A 299 9.16 8.35 -27.16
C GLU A 299 9.74 7.02 -26.70
N ALA A 300 9.02 6.33 -25.81
CA ALA A 300 9.47 5.06 -25.25
C ALA A 300 9.27 3.96 -26.29
N CYS A 301 8.13 3.97 -26.98
CA CYS A 301 7.87 3.06 -28.08
C CYS A 301 9.02 3.07 -29.10
N ALA A 302 9.61 4.26 -29.31
CA ALA A 302 10.69 4.46 -30.27
C ALA A 302 12.08 4.37 -29.65
N HIS A 303 12.19 3.81 -28.44
CA HIS A 303 13.48 3.63 -27.77
C HIS A 303 14.19 2.45 -28.42
N SER A 304 15.53 2.47 -28.36
CA SER A 304 16.38 1.43 -28.96
C SER A 304 16.10 0.01 -28.44
N PHE A 305 15.62 -0.09 -27.20
CA PHE A 305 15.28 -1.36 -26.57
C PHE A 305 14.28 -2.18 -27.42
N PHE A 306 13.38 -1.47 -28.11
CA PHE A 306 12.36 -2.09 -28.92
C PHE A 306 12.74 -2.33 -30.40
N ASP A 307 14.01 -2.08 -30.75
CA ASP A 307 14.47 -2.17 -32.15
C ASP A 307 14.19 -3.54 -32.74
N GLU A 308 14.41 -4.59 -31.93
CA GLU A 308 14.15 -5.97 -32.35
C GLU A 308 12.72 -6.21 -32.86
N LEU A 309 11.77 -5.39 -32.42
CA LEU A 309 10.39 -5.52 -32.84
C LEU A 309 10.16 -4.94 -34.23
N ARG A 310 11.08 -4.07 -34.65
CA ARG A 310 11.03 -3.35 -35.96
C ARG A 310 11.81 -4.13 -37.02
N ASP A 311 12.63 -5.12 -36.61
CA ASP A 311 13.26 -6.06 -37.54
C ASP A 311 12.16 -6.74 -38.35
N PRO A 312 12.32 -6.85 -39.69
CA PRO A 312 11.29 -7.44 -40.54
C PRO A 312 11.15 -8.96 -40.36
N ASN A 313 12.19 -9.61 -39.83
CA ASN A 313 12.19 -11.05 -39.64
C ASN A 313 11.60 -11.52 -38.32
N VAL A 314 11.50 -10.61 -37.36
CA VAL A 314 11.09 -10.95 -36.01
C VAL A 314 9.76 -11.73 -36.03
N LYS A 315 9.79 -12.90 -35.39
CA LYS A 315 8.60 -13.71 -35.16
C LYS A 315 8.55 -14.06 -33.68
N LEU A 316 7.39 -14.57 -33.25
CA LEU A 316 7.24 -15.13 -31.91
C LEU A 316 8.00 -16.46 -31.86
N PRO A 317 8.58 -16.85 -30.70
CA PRO A 317 9.36 -18.09 -30.63
C PRO A 317 8.57 -19.35 -31.02
N ASN A 318 7.24 -19.30 -30.91
CA ASN A 318 6.37 -20.38 -31.39
C ASN A 318 6.16 -20.37 -32.91
N GLY A 319 6.70 -19.37 -33.62
CA GLY A 319 6.69 -19.30 -35.07
C GLY A 319 5.73 -18.32 -35.73
N ARG A 320 4.58 -18.05 -35.09
CA ARG A 320 3.55 -17.10 -35.59
C ARG A 320 4.15 -15.69 -35.64
N ASP A 321 3.55 -14.82 -36.47
CA ASP A 321 3.97 -13.44 -36.61
C ASP A 321 3.77 -12.71 -35.29
N THR A 322 4.52 -11.62 -35.09
CA THR A 322 4.24 -10.68 -34.02
C THR A 322 2.88 -10.06 -34.32
N PRO A 323 2.12 -9.61 -33.31
CA PRO A 323 0.83 -8.97 -33.55
C PRO A 323 1.04 -7.54 -34.06
N ALA A 324 -0.06 -6.82 -34.34
CA ALA A 324 0.00 -5.44 -34.84
C ALA A 324 0.91 -4.59 -33.95
N LEU A 325 1.91 -3.95 -34.57
CA LEU A 325 2.84 -3.08 -33.84
C LEU A 325 3.00 -1.71 -34.46
N PHE A 326 2.62 -1.59 -35.74
CA PHE A 326 2.96 -0.42 -36.58
C PHE A 326 1.78 0.34 -37.16
N ASN A 327 0.55 -0.14 -36.91
CA ASN A 327 -0.65 0.47 -37.48
C ASN A 327 -1.09 1.72 -36.73
N PHE A 328 -0.18 2.67 -36.54
CA PHE A 328 -0.46 3.89 -35.83
C PHE A 328 -1.55 4.70 -36.54
N THR A 329 -2.36 5.43 -35.76
CA THR A 329 -3.25 6.46 -36.27
C THR A 329 -2.60 7.80 -36.02
N THR A 330 -3.12 8.85 -36.67
CA THR A 330 -2.56 10.20 -36.58
C THR A 330 -2.82 10.75 -35.17
N GLN A 331 -3.99 10.40 -34.65
CA GLN A 331 -4.38 10.56 -33.25
C GLN A 331 -3.27 10.06 -32.33
N GLU A 332 -2.96 8.76 -32.46
CA GLU A 332 -1.97 8.06 -31.67
C GLU A 332 -0.55 8.68 -31.77
N LEU A 333 -0.27 9.34 -32.89
CA LEU A 333 1.02 9.97 -33.15
C LEU A 333 1.06 11.47 -32.84
N SER A 334 -0.10 12.06 -32.56
CA SER A 334 -0.24 13.50 -32.41
C SER A 334 0.67 14.09 -31.34
N SER A 335 0.96 13.28 -30.30
CA SER A 335 2.01 13.55 -29.32
C SER A 335 3.23 14.20 -29.97
N ASN A 336 3.70 13.63 -31.09
CA ASN A 336 4.93 14.04 -31.78
C ASN A 336 5.09 13.33 -33.12
N PRO A 337 4.37 13.77 -34.19
CA PRO A 337 4.34 13.05 -35.47
C PRO A 337 5.68 12.65 -36.08
N PRO A 338 6.71 13.53 -36.08
CA PRO A 338 8.06 13.14 -36.54
C PRO A 338 8.54 11.73 -36.13
N LEU A 339 8.12 11.24 -34.97
CA LEU A 339 8.55 9.92 -34.51
C LEU A 339 8.10 8.78 -35.40
N ALA A 340 7.09 9.04 -36.25
CA ALA A 340 6.58 8.06 -37.22
C ALA A 340 7.71 7.46 -38.04
N THR A 341 8.74 8.28 -38.33
CA THR A 341 9.91 7.88 -39.09
C THR A 341 10.73 6.78 -38.41
N ILE A 342 10.66 6.70 -37.08
CA ILE A 342 11.25 5.61 -36.31
C ILE A 342 10.24 4.49 -36.06
N LEU A 343 9.05 4.88 -35.60
CA LEU A 343 8.03 3.94 -35.16
C LEU A 343 7.55 2.99 -36.25
N ILE A 344 7.35 3.54 -37.45
CA ILE A 344 6.91 2.79 -38.62
C ILE A 344 8.14 2.47 -39.48
N PRO A 345 8.67 1.22 -39.41
CA PRO A 345 9.94 0.92 -40.08
C PRO A 345 9.73 0.76 -41.58
N PRO A 346 10.82 0.88 -42.38
CA PRO A 346 10.73 0.76 -43.84
C PRO A 346 9.82 -0.40 -44.30
N HIS A 347 10.04 -1.60 -43.75
CA HIS A 347 9.39 -2.82 -44.22
C HIS A 347 7.88 -2.83 -44.07
N ALA A 348 7.37 -1.90 -43.26
CA ALA A 348 5.95 -1.75 -42.99
C ALA A 348 5.30 -0.76 -43.94
N ARG A 349 6.13 -0.02 -44.67
CA ARG A 349 5.69 1.00 -45.67
C ARG A 349 5.56 0.35 -47.05
N ILE A 350 6.12 -0.85 -47.25
CA ILE A 350 6.03 -1.56 -48.52
C ILE A 350 4.55 -1.81 -48.88
N GLN A 351 4.26 -1.69 -50.18
CA GLN A 351 2.91 -1.66 -50.75
C GLN A 351 2.33 -3.07 -50.92
N VAL B 3 32.72 -13.96 20.30
CA VAL B 3 32.40 -12.85 21.26
C VAL B 3 32.83 -11.47 20.77
N THR B 4 31.85 -10.58 20.59
CA THR B 4 32.05 -9.17 20.31
C THR B 4 31.99 -8.38 21.60
N THR B 5 32.92 -7.42 21.75
CA THR B 5 32.92 -6.52 22.89
C THR B 5 32.95 -5.05 22.45
N VAL B 6 31.93 -4.30 22.84
CA VAL B 6 31.79 -2.89 22.47
C VAL B 6 31.80 -2.03 23.73
N VAL B 7 31.89 -0.70 23.53
CA VAL B 7 31.68 0.26 24.60
C VAL B 7 30.37 0.98 24.27
N ALA B 8 29.33 0.69 25.06
CA ALA B 8 27.97 1.11 24.76
C ALA B 8 27.38 1.98 25.85
N THR B 9 26.61 2.98 25.43
CA THR B 9 25.98 3.94 26.30
C THR B 9 24.63 3.37 26.74
N PRO B 10 24.35 3.29 28.06
CA PRO B 10 23.04 2.82 28.53
C PRO B 10 21.88 3.71 28.05
N GLY B 11 20.71 3.10 27.82
CA GLY B 11 19.57 3.75 27.18
C GLY B 11 18.99 4.88 28.00
N GLN B 12 18.67 4.58 29.27
CA GLN B 12 17.99 5.52 30.16
C GLN B 12 18.92 6.29 31.10
N GLY B 13 20.02 5.64 31.56
CA GLY B 13 21.00 6.28 32.43
C GLY B 13 21.71 7.43 31.71
N PRO B 14 22.48 8.28 32.45
CA PRO B 14 23.26 9.35 31.82
C PRO B 14 24.47 8.79 31.06
N ASP B 15 25.08 9.58 30.17
CA ASP B 15 26.03 9.06 29.18
C ASP B 15 27.32 8.54 29.76
N ARG B 16 27.29 7.34 30.34
CA ARG B 16 28.47 6.69 30.98
C ARG B 16 28.67 5.32 30.34
N PRO B 17 29.28 5.25 29.14
CA PRO B 17 29.43 3.99 28.42
C PRO B 17 30.15 2.95 29.29
N GLN B 18 29.74 1.68 29.18
CA GLN B 18 30.48 0.57 29.77
C GLN B 18 30.77 -0.48 28.72
N GLU B 19 31.70 -1.38 29.05
CA GLU B 19 32.08 -2.46 28.19
C GLU B 19 31.00 -3.55 28.21
N VAL B 20 30.40 -3.80 27.04
CA VAL B 20 29.37 -4.82 26.85
C VAL B 20 29.88 -5.88 25.88
N SER B 21 29.89 -7.14 26.32
CA SER B 21 30.22 -8.28 25.48
C SER B 21 28.97 -9.10 25.19
N TYR B 22 28.84 -9.58 23.95
CA TYR B 22 27.71 -10.44 23.50
C TYR B 22 28.20 -11.44 22.46
N THR B 23 27.42 -12.50 22.27
CA THR B 23 27.78 -13.63 21.44
C THR B 23 26.52 -14.29 20.89
N ASP B 24 26.71 -15.37 20.12
CA ASP B 24 25.64 -16.11 19.46
C ASP B 24 24.83 -15.21 18.53
N THR B 25 25.55 -14.39 17.74
CA THR B 25 24.92 -13.37 16.93
C THR B 25 24.26 -13.97 15.68
N LYS B 26 22.97 -14.27 15.78
CA LYS B 26 22.14 -14.63 14.62
C LYS B 26 21.71 -13.36 13.87
N VAL B 27 20.98 -13.55 12.78
CA VAL B 27 20.36 -12.47 12.03
C VAL B 27 18.87 -12.76 11.95
N ILE B 28 18.07 -11.70 11.92
CA ILE B 28 16.62 -11.77 11.72
C ILE B 28 16.29 -10.55 10.87
N GLY B 29 15.01 -10.17 10.82
CA GLY B 29 14.59 -8.89 10.29
C GLY B 29 15.07 -8.41 8.91
N ASN B 30 16.07 -7.51 8.91
CA ASN B 30 16.30 -6.50 7.86
C ASN B 30 15.13 -6.04 6.96
N GLY B 31 14.57 -4.88 7.29
CA GLY B 31 13.72 -4.11 6.40
C GLY B 31 14.36 -2.75 6.17
N SER B 32 13.80 -2.00 5.22
CA SER B 32 14.15 -0.60 4.90
C SER B 32 15.35 -0.03 5.70
N PHE B 33 15.09 0.34 6.96
CA PHE B 33 16.08 0.86 7.92
C PHE B 33 17.46 0.19 7.84
N GLY B 34 17.47 -1.15 7.89
CA GLY B 34 18.68 -1.94 7.94
C GLY B 34 18.48 -3.24 8.69
N VAL B 35 19.60 -3.87 9.08
CA VAL B 35 19.63 -5.22 9.65
C VAL B 35 19.31 -5.30 11.15
N VAL B 36 18.67 -6.39 11.56
CA VAL B 36 18.35 -6.69 12.94
C VAL B 36 18.94 -8.05 13.34
N TYR B 37 19.87 -8.05 14.29
CA TYR B 37 20.54 -9.27 14.82
C TYR B 37 19.88 -9.69 16.14
N GLN B 38 20.19 -10.89 16.59
CA GLN B 38 19.82 -11.37 17.90
C GLN B 38 21.11 -11.89 18.53
N ALA B 39 21.30 -11.64 19.83
CA ALA B 39 22.52 -12.04 20.53
C ALA B 39 22.25 -12.36 21.98
N LYS B 40 23.27 -12.93 22.65
CA LYS B 40 23.22 -13.23 24.07
C LYS B 40 24.32 -12.45 24.76
N LEU B 41 23.94 -11.63 25.76
CA LEU B 41 24.87 -10.85 26.55
C LEU B 41 25.68 -11.81 27.41
N CYS B 42 27.01 -11.69 27.37
CA CYS B 42 27.91 -12.67 27.95
C CYS B 42 27.79 -12.79 29.47
N ASP B 43 27.65 -11.67 30.17
CA ASP B 43 27.55 -11.70 31.64
C ASP B 43 26.22 -12.29 32.09
N SER B 44 25.12 -11.61 31.73
CA SER B 44 23.78 -11.94 32.23
C SER B 44 23.09 -13.09 31.49
N GLY B 45 23.61 -13.45 30.32
CA GLY B 45 23.02 -14.48 29.46
C GLY B 45 21.67 -14.08 28.86
N GLU B 46 21.26 -12.82 29.07
CA GLU B 46 20.00 -12.29 28.58
C GLU B 46 20.07 -12.08 27.06
N LEU B 47 18.95 -12.36 26.37
CA LEU B 47 18.86 -12.20 24.93
C LEU B 47 18.54 -10.76 24.54
N VAL B 48 19.21 -10.26 23.49
CA VAL B 48 18.94 -8.93 22.97
C VAL B 48 18.77 -8.96 21.47
N ALA B 49 18.04 -7.96 20.97
CA ALA B 49 17.92 -7.68 19.56
C ALA B 49 18.73 -6.43 19.27
N ILE B 50 19.52 -6.43 18.19
CA ILE B 50 20.31 -5.27 17.78
C ILE B 50 19.84 -4.76 16.43
N LYS B 51 19.24 -3.57 16.41
CA LYS B 51 18.83 -2.90 15.18
C LYS B 51 19.97 -1.99 14.76
N LYS B 52 20.59 -2.32 13.61
CA LYS B 52 21.71 -1.58 13.02
C LYS B 52 21.19 -0.74 11.86
N VAL B 53 21.35 0.58 11.95
CA VAL B 53 20.93 1.48 10.90
C VAL B 53 22.01 2.51 10.59
N LEU B 54 21.98 3.04 9.37
CA LEU B 54 22.90 4.06 8.91
C LEU B 54 22.66 5.35 9.71
N GLN B 55 23.74 6.00 10.15
CA GLN B 55 23.65 7.25 10.88
C GLN B 55 23.94 8.42 9.95
N ASP B 56 23.03 9.40 9.94
CA ASP B 56 23.02 10.48 8.95
C ASP B 56 24.30 11.33 8.88
N LYS B 57 25.07 11.37 9.96
CA LYS B 57 26.30 12.18 10.07
C LYS B 57 26.04 13.63 10.48
N ARG B 58 25.07 14.26 9.79
CA ARG B 58 24.62 15.65 10.06
C ARG B 58 23.73 15.65 11.31
N PHE B 59 22.47 15.18 11.24
CA PHE B 59 21.60 15.17 12.42
C PHE B 59 21.71 13.88 13.28
N LYS B 60 21.33 14.02 14.55
CA LYS B 60 21.23 12.89 15.48
C LYS B 60 19.94 12.14 15.17
N ASN B 61 19.96 10.82 15.39
CA ASN B 61 18.89 9.89 15.01
C ASN B 61 17.61 10.06 15.85
N ARG B 62 16.48 10.39 15.20
CA ARG B 62 15.21 10.76 15.87
C ARG B 62 14.67 9.57 16.68
N GLU B 63 14.84 8.35 16.16
CA GLU B 63 14.41 7.15 16.87
C GLU B 63 15.15 7.07 18.20
N LEU B 64 16.48 7.11 18.15
CA LEU B 64 17.33 7.08 19.35
C LEU B 64 16.92 8.10 20.40
N GLN B 65 16.76 9.37 19.97
CA GLN B 65 16.38 10.46 20.85
C GLN B 65 15.08 10.16 21.58
N ILE B 66 14.12 9.56 20.87
CA ILE B 66 12.83 9.20 21.42
C ILE B 66 12.93 8.01 22.37
N MET B 67 13.72 6.99 21.99
CA MET B 67 13.88 5.77 22.80
C MET B 67 14.46 6.03 24.18
N ARG B 68 15.37 7.00 24.27
CA ARG B 68 16.06 7.35 25.54
C ARG B 68 15.06 8.00 26.51
N LYS B 69 14.13 8.83 26.00
CA LYS B 69 13.13 9.52 26.80
C LYS B 69 11.92 8.66 27.24
N LEU B 70 11.94 7.37 26.90
CA LEU B 70 10.83 6.45 27.16
C LEU B 70 11.22 5.38 28.17
N ASP B 71 10.30 5.14 29.12
CA ASP B 71 10.40 4.05 30.09
C ASP B 71 8.97 3.68 30.44
N HIS B 72 8.52 2.52 29.94
CA HIS B 72 7.16 2.04 30.18
C HIS B 72 7.12 0.53 30.00
N CYS B 73 6.33 -0.14 30.83
CA CYS B 73 6.29 -1.59 30.88
C CYS B 73 5.75 -2.24 29.59
N ASN B 74 5.13 -1.44 28.71
CA ASN B 74 4.59 -1.88 27.42
C ASN B 74 5.27 -1.19 26.22
N ILE B 75 6.60 -1.04 26.31
CA ILE B 75 7.45 -0.45 25.27
C ILE B 75 8.83 -1.12 25.40
N VAL B 76 9.38 -1.61 24.28
CA VAL B 76 10.70 -2.27 24.30
C VAL B 76 11.74 -1.38 24.93
N ARG B 77 12.61 -1.98 25.73
CA ARG B 77 13.63 -1.24 26.51
C ARG B 77 14.92 -1.19 25.70
N LEU B 78 15.38 0.04 25.41
CA LEU B 78 16.71 0.27 24.88
C LEU B 78 17.67 0.07 26.04
N ARG B 79 18.46 -0.99 25.99
CA ARG B 79 19.45 -1.32 27.05
C ARG B 79 20.72 -0.51 26.85
N TYR B 80 21.27 -0.58 25.64
CA TYR B 80 22.47 0.19 25.23
C TYR B 80 22.30 0.64 23.78
N PHE B 81 23.16 1.58 23.36
CA PHE B 81 23.30 1.94 21.96
C PHE B 81 24.77 2.27 21.76
N PHE B 82 25.29 1.89 20.59
CA PHE B 82 26.67 2.15 20.23
C PHE B 82 26.80 2.37 18.73
N TYR B 83 28.01 2.69 18.28
CA TYR B 83 28.32 2.96 16.85
C TYR B 83 29.39 1.98 16.37
N SER B 84 29.32 1.57 15.10
CA SER B 84 30.27 0.66 14.49
C SER B 84 30.33 0.88 13.00
N SER B 85 31.32 0.23 12.37
CA SER B 85 31.60 0.39 10.96
C SER B 85 32.06 -0.95 10.39
N GLY B 86 33.11 -0.96 9.55
CA GLY B 86 33.41 -2.03 8.63
C GLY B 86 32.58 -1.72 7.40
N GLU B 87 32.79 -2.51 6.34
CA GLU B 87 32.01 -2.45 5.07
C GLU B 87 32.02 -1.01 4.50
N LYS B 88 30.86 -0.48 4.07
CA LYS B 88 30.70 0.92 3.68
C LYS B 88 31.47 1.88 4.62
N LYS B 89 32.71 2.20 4.22
CA LYS B 89 33.67 2.95 5.01
C LYS B 89 33.31 4.44 5.07
N ASP B 90 33.75 5.09 6.15
CA ASP B 90 33.54 6.52 6.42
C ASP B 90 32.08 6.98 6.36
N GLU B 91 31.16 6.04 6.54
CA GLU B 91 29.75 6.29 6.86
C GLU B 91 29.41 5.34 8.02
N VAL B 92 28.85 5.91 9.10
CA VAL B 92 28.68 5.11 10.35
C VAL B 92 27.28 4.51 10.52
N TYR B 93 27.23 3.48 11.38
CA TYR B 93 26.01 2.74 11.81
C TYR B 93 25.73 2.95 13.31
N LEU B 94 24.45 3.16 13.63
CA LEU B 94 23.92 3.21 14.98
C LEU B 94 23.34 1.83 15.28
N ASN B 95 23.76 1.25 16.41
CA ASN B 95 23.30 -0.07 16.86
C ASN B 95 22.48 0.06 18.14
N LEU B 96 21.16 -0.16 18.04
CA LEU B 96 20.23 -0.14 19.17
C LEU B 96 20.04 -1.52 19.79
N VAL B 97 20.58 -1.71 21.00
CA VAL B 97 20.48 -2.97 21.73
C VAL B 97 19.20 -2.95 22.59
N LEU B 98 18.31 -3.91 22.32
CA LEU B 98 16.99 -3.96 22.93
C LEU B 98 16.73 -5.31 23.56
N ASP B 99 15.85 -5.32 24.56
CA ASP B 99 15.40 -6.55 25.21
C ASP B 99 14.69 -7.36 24.15
N TYR B 100 15.17 -8.59 23.90
CA TYR B 100 14.60 -9.53 22.90
C TYR B 100 13.23 -10.03 23.36
N VAL B 101 12.22 -9.94 22.50
CA VAL B 101 10.88 -10.44 22.80
C VAL B 101 10.54 -11.48 21.73
N PRO B 102 10.18 -12.73 22.11
CA PRO B 102 10.17 -13.84 21.16
C PRO B 102 9.11 -13.77 20.04
N GLU B 103 7.90 -13.31 20.33
CA GLU B 103 6.82 -13.32 19.34
C GLU B 103 6.27 -11.93 19.02
N THR B 104 5.30 -11.88 18.11
CA THR B 104 4.55 -10.66 17.79
C THR B 104 3.09 -10.98 17.61
N VAL B 105 2.24 -9.95 17.77
CA VAL B 105 0.81 -10.12 17.62
C VAL B 105 0.52 -10.64 16.23
N TYR B 106 1.24 -10.10 15.24
CA TYR B 106 1.11 -10.48 13.81
C TYR B 106 1.23 -12.00 13.67
N ARG B 107 2.34 -12.57 14.15
CA ARG B 107 2.68 -14.00 13.99
C ARG B 107 1.64 -14.86 14.71
N VAL B 108 1.29 -14.48 15.95
CA VAL B 108 0.29 -15.20 16.74
C VAL B 108 -1.07 -15.13 16.06
N ALA B 109 -1.50 -13.91 15.70
CA ALA B 109 -2.78 -13.70 15.03
C ALA B 109 -2.97 -14.64 13.86
N ARG B 110 -1.88 -14.90 13.14
CA ARG B 110 -1.88 -15.69 11.88
C ARG B 110 -1.78 -17.19 12.18
N HIS B 111 -1.18 -17.60 13.31
CA HIS B 111 -1.23 -19.01 13.71
C HIS B 111 -2.69 -19.45 13.90
N TYR B 112 -3.48 -18.60 14.55
CA TYR B 112 -4.94 -18.85 14.79
C TYR B 112 -5.69 -18.77 13.46
N SER B 113 -5.28 -17.86 12.57
CA SER B 113 -5.93 -17.67 11.29
C SER B 113 -5.75 -18.90 10.35
N ARG B 114 -4.52 -19.41 10.27
CA ARG B 114 -4.12 -20.62 9.48
C ARG B 114 -4.88 -21.85 9.98
N ALA B 115 -4.98 -22.02 11.30
CA ALA B 115 -5.74 -23.12 11.90
C ALA B 115 -7.23 -22.73 12.05
N LYS B 116 -7.73 -21.93 11.10
CA LYS B 116 -9.09 -21.42 11.02
C LYS B 116 -9.84 -21.30 12.38
N GLN B 117 -9.28 -20.47 13.27
CA GLN B 117 -9.82 -20.17 14.60
C GLN B 117 -9.59 -18.70 14.89
N THR B 118 -10.34 -18.15 15.85
CA THR B 118 -10.09 -16.81 16.37
C THR B 118 -9.45 -16.88 17.75
N LEU B 119 -8.50 -15.97 17.98
CA LEU B 119 -7.80 -15.79 19.25
C LEU B 119 -8.81 -15.66 20.39
N PRO B 120 -8.67 -16.43 21.51
CA PRO B 120 -9.57 -16.30 22.65
C PRO B 120 -9.63 -14.84 23.13
N VAL B 121 -10.84 -14.35 23.41
CA VAL B 121 -11.09 -12.93 23.66
C VAL B 121 -10.28 -12.38 24.83
N ILE B 122 -9.93 -13.25 25.78
CA ILE B 122 -9.06 -12.89 26.89
C ILE B 122 -7.72 -12.30 26.41
N TYR B 123 -7.11 -12.94 25.41
CA TYR B 123 -5.82 -12.52 24.80
C TYR B 123 -6.02 -11.21 24.03
N VAL B 124 -7.17 -11.05 23.37
CA VAL B 124 -7.53 -9.82 22.67
C VAL B 124 -7.55 -8.65 23.66
N LYS B 125 -8.24 -8.85 24.78
CA LYS B 125 -8.32 -7.87 25.85
C LYS B 125 -6.96 -7.46 26.37
N LEU B 126 -6.17 -8.47 26.75
CA LEU B 126 -4.83 -8.25 27.30
C LEU B 126 -3.98 -7.39 26.36
N TYR B 127 -3.86 -7.85 25.10
CA TYR B 127 -3.01 -7.23 24.06
C TYR B 127 -3.50 -5.79 23.80
N MET B 128 -4.80 -5.60 23.59
CA MET B 128 -5.34 -4.30 23.24
C MET B 128 -5.16 -3.27 24.34
N TYR B 129 -5.46 -3.68 25.59
CA TYR B 129 -5.28 -2.84 26.80
C TYR B 129 -3.83 -2.39 26.88
N GLN B 130 -2.89 -3.35 26.81
CA GLN B 130 -1.47 -3.04 26.93
C GLN B 130 -0.99 -2.09 25.82
N LEU B 131 -1.58 -2.18 24.64
CA LEU B 131 -1.28 -1.26 23.54
C LEU B 131 -1.73 0.14 23.92
N PHE B 132 -3.02 0.27 24.28
CA PHE B 132 -3.57 1.57 24.65
C PHE B 132 -2.81 2.26 25.79
N ARG B 133 -2.28 1.48 26.75
CA ARG B 133 -1.40 2.00 27.82
C ARG B 133 -0.16 2.61 27.18
N SER B 134 0.50 1.87 26.28
CA SER B 134 1.72 2.33 25.64
C SER B 134 1.46 3.60 24.83
N LEU B 135 0.30 3.65 24.17
CA LEU B 135 -0.11 4.83 23.40
C LEU B 135 -0.36 6.00 24.33
N ALA B 136 -1.15 5.77 25.37
CA ALA B 136 -1.43 6.78 26.41
C ALA B 136 -0.15 7.44 26.95
N TYR B 137 0.85 6.61 27.24
CA TYR B 137 2.17 7.03 27.78
C TYR B 137 2.85 7.96 26.78
N ILE B 138 3.09 7.49 25.55
CA ILE B 138 3.82 8.28 24.56
C ILE B 138 3.04 9.51 24.10
N HIS B 139 1.72 9.38 23.93
CA HIS B 139 0.91 10.53 23.55
C HIS B 139 1.03 11.63 24.58
N SER B 140 1.16 11.26 25.86
CA SER B 140 1.36 12.20 26.96
C SER B 140 2.60 13.10 26.83
N PHE B 141 3.60 12.64 26.05
CA PHE B 141 4.75 13.44 25.69
C PHE B 141 4.54 14.19 24.36
N GLY B 142 3.34 14.10 23.78
CA GLY B 142 3.08 14.61 22.44
C GLY B 142 3.69 13.83 21.26
N ILE B 143 4.12 12.59 21.53
CA ILE B 143 4.72 11.68 20.55
C ILE B 143 3.66 10.75 19.92
N CYS B 144 3.68 10.67 18.60
CA CYS B 144 2.85 9.78 17.81
C CYS B 144 3.75 8.71 17.20
N HIS B 145 3.28 7.46 17.20
CA HIS B 145 4.07 6.31 16.73
C HIS B 145 4.06 6.28 15.20
N ARG B 146 2.87 6.46 14.63
CA ARG B 146 2.59 6.63 13.17
C ARG B 146 2.88 5.34 12.38
N ASP B 147 2.92 4.19 13.05
CA ASP B 147 3.08 2.92 12.35
C ASP B 147 2.61 1.77 13.22
N ILE B 148 1.45 1.99 13.85
CA ILE B 148 0.81 0.97 14.64
C ILE B 148 0.37 -0.09 13.64
N LYS B 149 0.83 -1.32 13.89
CA LYS B 149 0.43 -2.51 13.14
C LYS B 149 0.85 -3.75 13.91
N PRO B 150 0.19 -4.90 13.68
CA PRO B 150 0.47 -6.13 14.44
C PRO B 150 1.96 -6.52 14.46
N GLN B 151 2.70 -6.24 13.39
CA GLN B 151 4.09 -6.63 13.29
C GLN B 151 4.97 -5.88 14.30
N ASN B 152 4.50 -4.72 14.74
CA ASN B 152 5.19 -3.89 15.73
C ASN B 152 4.67 -4.00 17.17
N LEU B 153 3.92 -5.07 17.46
CA LEU B 153 3.44 -5.39 18.79
C LEU B 153 4.09 -6.70 19.20
N LEU B 154 5.16 -6.60 19.99
CA LEU B 154 5.91 -7.75 20.48
C LEU B 154 5.14 -8.42 21.61
N LEU B 155 5.39 -9.73 21.79
CA LEU B 155 4.69 -10.56 22.77
C LEU B 155 5.62 -11.54 23.40
N ASP B 156 5.45 -11.75 24.70
CA ASP B 156 6.04 -12.87 25.37
C ASP B 156 4.85 -13.79 25.62
N PRO B 157 4.79 -14.98 24.99
CA PRO B 157 3.63 -15.86 25.13
C PRO B 157 3.41 -16.35 26.57
N ASP B 158 4.50 -16.55 27.31
CA ASP B 158 4.44 -17.07 28.68
C ASP B 158 3.81 -16.06 29.63
N THR B 159 4.23 -14.80 29.52
CA THR B 159 3.80 -13.76 30.45
C THR B 159 2.59 -12.95 29.98
N ALA B 160 2.26 -13.06 28.68
CA ALA B 160 1.22 -12.26 28.01
C ALA B 160 1.52 -10.76 27.94
N VAL B 161 2.80 -10.43 28.15
CA VAL B 161 3.28 -9.06 28.16
C VAL B 161 3.36 -8.61 26.72
N LEU B 162 2.84 -7.41 26.43
CA LEU B 162 2.92 -6.82 25.10
C LEU B 162 3.80 -5.57 25.14
N LYS B 163 4.58 -5.37 24.09
CA LYS B 163 5.51 -4.24 23.99
C LYS B 163 5.49 -3.65 22.59
N LEU B 164 5.22 -2.34 22.50
CA LEU B 164 5.26 -1.55 21.28
C LEU B 164 6.69 -1.28 20.87
N CYS B 165 6.99 -1.44 19.57
CA CYS B 165 8.35 -1.27 19.02
C CYS B 165 8.33 -0.61 17.64
N ASP B 166 9.52 -0.42 17.05
CA ASP B 166 9.72 0.31 15.79
C ASP B 166 9.26 1.76 15.94
N PHE B 167 10.17 2.62 16.39
CA PHE B 167 9.90 4.04 16.59
C PHE B 167 10.56 4.85 15.48
N GLY B 168 10.92 4.16 14.39
CA GLY B 168 11.46 4.76 13.20
C GLY B 168 10.61 5.84 12.54
N SER B 169 9.28 5.74 12.62
CA SER B 169 8.35 6.75 12.07
C SER B 169 7.87 7.74 13.14
N ALA B 170 8.24 7.48 14.40
CA ALA B 170 7.68 8.18 15.55
C ALA B 170 8.18 9.62 15.62
N LYS B 171 7.29 10.54 16.01
CA LYS B 171 7.57 11.97 16.00
C LYS B 171 6.68 12.81 16.91
N GLN B 172 7.33 13.74 17.61
CA GLN B 172 6.72 14.75 18.43
C GLN B 172 5.82 15.63 17.55
N LEU B 173 4.51 15.37 17.55
CA LEU B 173 3.57 16.20 16.80
C LEU B 173 3.27 17.48 17.55
N VAL B 174 3.36 18.62 16.87
CA VAL B 174 3.15 19.96 17.44
C VAL B 174 2.13 20.76 16.63
N ARG B 175 1.01 21.14 17.27
CA ARG B 175 -0.08 21.93 16.62
C ARG B 175 0.57 23.13 15.91
N GLY B 176 0.13 23.42 14.69
CA GLY B 176 0.72 24.48 13.88
C GLY B 176 1.76 23.98 12.86
N GLU B 177 2.60 23.03 13.27
CA GLU B 177 3.61 22.41 12.40
C GLU B 177 3.01 21.28 11.59
N PRO B 178 3.28 21.18 10.27
CA PRO B 178 2.72 20.13 9.43
C PRO B 178 3.62 18.89 9.39
N ASN B 179 3.04 17.71 9.15
CA ASN B 179 3.80 16.47 9.06
C ASN B 179 3.41 15.66 7.84
N VAL B 180 4.40 14.92 7.31
CA VAL B 180 4.23 14.12 6.10
C VAL B 180 3.07 13.15 6.24
N SER B 181 2.30 12.98 5.17
CA SER B 181 1.12 12.13 5.20
C SER B 181 1.35 10.74 4.64
N TYR B 182 2.63 10.38 4.45
CA TYR B 182 3.05 9.12 3.78
C TYR B 182 3.65 8.14 4.80
N ILE B 183 3.26 8.26 6.08
CA ILE B 183 3.69 7.37 7.15
C ILE B 183 2.53 6.43 7.41
N CYS B 184 2.82 5.33 8.10
CA CYS B 184 1.80 4.39 8.53
C CYS B 184 1.59 3.32 7.47
N SER B 185 1.57 2.07 7.94
CA SER B 185 1.48 0.92 7.05
C SER B 185 0.10 0.78 6.47
N ARG B 186 0.00 0.00 5.39
CA ARG B 186 -1.07 0.05 4.36
C ARG B 186 -2.49 -0.06 4.96
N TYR B 187 -2.80 -1.11 5.74
CA TYR B 187 -4.19 -1.44 6.15
C TYR B 187 -4.65 -0.59 7.36
N TYR B 188 -3.67 -0.01 8.07
CA TYR B 188 -3.79 0.64 9.40
C TYR B 188 -3.74 2.18 9.26
N ARG B 189 -3.75 2.66 8.02
CA ARG B 189 -3.77 4.12 7.69
C ARG B 189 -5.16 4.67 8.02
N ALA B 190 -5.16 5.85 8.62
CA ALA B 190 -6.36 6.57 9.00
C ALA B 190 -6.85 7.39 7.81
N PRO B 191 -8.18 7.56 7.65
CA PRO B 191 -8.74 8.25 6.49
C PRO B 191 -8.04 9.59 6.18
N GLU B 192 -7.78 10.40 7.21
CA GLU B 192 -7.14 11.69 7.04
C GLU B 192 -5.76 11.58 6.37
N LEU B 193 -5.04 10.49 6.66
CA LEU B 193 -3.75 10.19 6.02
C LEU B 193 -3.89 9.77 4.54
N ILE B 194 -4.93 8.99 4.24
CA ILE B 194 -5.26 8.61 2.87
C ILE B 194 -5.57 9.86 2.07
N PHE B 195 -6.40 10.74 2.64
CA PHE B 195 -6.69 12.05 2.04
C PHE B 195 -5.51 13.03 2.12
N GLY B 196 -4.34 12.54 2.51
CA GLY B 196 -3.10 13.29 2.45
C GLY B 196 -2.99 14.51 3.37
N ALA B 197 -3.82 14.57 4.41
CA ALA B 197 -3.79 15.64 5.38
C ALA B 197 -2.43 15.70 6.04
N THR B 198 -1.98 16.92 6.39
CA THR B 198 -0.75 17.10 7.16
C THR B 198 -0.96 17.84 8.49
N ASP B 199 -2.23 18.10 8.82
CA ASP B 199 -2.65 18.68 10.10
C ASP B 199 -3.13 17.61 11.09
N TYR B 200 -2.70 16.36 10.88
CA TYR B 200 -3.19 15.17 11.64
C TYR B 200 -2.62 15.22 13.06
N THR B 201 -3.31 14.56 14.00
CA THR B 201 -2.95 14.53 15.43
C THR B 201 -2.50 13.10 15.81
N SER B 202 -2.44 12.81 17.10
CA SER B 202 -2.09 11.47 17.54
C SER B 202 -3.23 10.47 17.39
N SER B 203 -4.40 10.97 17.00
CA SER B 203 -5.58 10.11 16.82
C SER B 203 -5.44 9.12 15.69
N ILE B 204 -4.45 9.33 14.80
CA ILE B 204 -4.11 8.36 13.76
C ILE B 204 -3.70 7.01 14.37
N ASP B 205 -2.98 7.05 15.51
CA ASP B 205 -2.60 5.85 16.25
C ASP B 205 -3.81 5.11 16.78
N VAL B 206 -4.85 5.86 17.17
CA VAL B 206 -6.08 5.27 17.69
C VAL B 206 -6.86 4.59 16.56
N TRP B 207 -6.90 5.22 15.39
CA TRP B 207 -7.51 4.59 14.24
C TRP B 207 -6.78 3.28 13.98
N SER B 208 -5.44 3.36 13.88
CA SER B 208 -4.59 2.20 13.63
C SER B 208 -4.87 1.08 14.64
N ALA B 209 -4.98 1.44 15.92
CA ALA B 209 -5.27 0.49 16.99
C ALA B 209 -6.64 -0.18 16.76
N GLY B 210 -7.66 0.63 16.43
CA GLY B 210 -8.98 0.13 16.08
C GLY B 210 -8.93 -0.94 14.99
N CYS B 211 -8.08 -0.72 13.98
CA CYS B 211 -7.89 -1.67 12.91
C CYS B 211 -7.25 -2.98 13.38
N VAL B 212 -6.45 -2.90 14.44
CA VAL B 212 -5.81 -4.09 15.03
C VAL B 212 -6.84 -4.89 15.82
N LEU B 213 -7.66 -4.19 16.60
CA LEU B 213 -8.71 -4.83 17.35
C LEU B 213 -9.60 -5.64 16.39
N ALA B 214 -10.20 -4.95 15.41
CA ALA B 214 -11.11 -5.57 14.45
C ALA B 214 -10.48 -6.80 13.80
N GLU B 215 -9.19 -6.69 13.46
CA GLU B 215 -8.45 -7.76 12.80
C GLU B 215 -8.27 -8.99 13.69
N LEU B 216 -8.13 -8.76 15.01
CA LEU B 216 -8.05 -9.83 15.98
C LEU B 216 -9.41 -10.50 16.17
N LEU B 217 -10.48 -9.71 16.03
CA LEU B 217 -11.85 -10.23 16.10
C LEU B 217 -12.22 -10.98 14.83
N LEU B 218 -12.01 -10.35 13.67
CA LEU B 218 -12.31 -10.95 12.36
C LEU B 218 -11.37 -12.05 11.91
N GLY B 219 -10.12 -12.02 12.39
CA GLY B 219 -9.09 -12.95 11.98
C GLY B 219 -8.52 -12.65 10.60
N GLN B 220 -8.70 -11.40 10.15
CA GLN B 220 -8.09 -10.88 8.93
C GLN B 220 -8.28 -9.37 8.89
N PRO B 221 -7.47 -8.62 8.11
CA PRO B 221 -7.57 -7.16 8.07
C PRO B 221 -8.98 -6.67 7.72
N ILE B 222 -9.45 -5.59 8.36
CA ILE B 222 -10.80 -5.07 8.13
C ILE B 222 -10.87 -4.11 6.94
N PHE B 223 -9.82 -3.31 6.72
CA PHE B 223 -9.80 -2.31 5.64
C PHE B 223 -8.67 -2.54 4.65
N PRO B 224 -8.68 -3.67 3.91
CA PRO B 224 -7.61 -4.03 2.98
C PRO B 224 -7.71 -3.29 1.65
N GLY B 225 -6.70 -3.46 0.80
CA GLY B 225 -6.68 -2.86 -0.51
C GLY B 225 -5.32 -2.34 -0.89
N ASP B 226 -4.99 -2.49 -2.17
CA ASP B 226 -3.69 -2.09 -2.72
C ASP B 226 -3.56 -0.59 -2.91
N SER B 227 -4.71 0.07 -3.15
CA SER B 227 -4.76 1.50 -3.39
C SER B 227 -5.52 2.23 -2.28
N GLY B 228 -5.26 3.54 -2.16
CA GLY B 228 -6.00 4.41 -1.25
C GLY B 228 -7.49 4.30 -1.53
N VAL B 229 -7.85 4.26 -2.81
CA VAL B 229 -9.23 4.17 -3.26
C VAL B 229 -9.86 2.86 -2.77
N ASP B 230 -9.17 1.74 -3.01
CA ASP B 230 -9.64 0.43 -2.60
C ASP B 230 -9.92 0.35 -1.09
N GLN B 231 -9.07 1.01 -0.29
CA GLN B 231 -9.22 1.06 1.16
C GLN B 231 -10.42 1.90 1.55
N LEU B 232 -10.50 3.11 0.99
CA LEU B 232 -11.62 4.02 1.25
C LEU B 232 -12.97 3.41 0.95
N VAL B 233 -13.03 2.51 -0.04
CA VAL B 233 -14.25 1.79 -0.34
C VAL B 233 -14.62 0.87 0.81
N GLU B 234 -13.65 0.04 1.23
CA GLU B 234 -13.86 -0.91 2.32
C GLU B 234 -14.29 -0.21 3.59
N ILE B 235 -13.74 0.99 3.83
CA ILE B 235 -14.09 1.84 4.96
C ILE B 235 -15.51 2.36 4.83
N ILE B 236 -15.85 2.88 3.64
CA ILE B 236 -17.17 3.40 3.37
C ILE B 236 -18.23 2.30 3.44
N LYS B 237 -17.87 1.09 2.99
CA LYS B 237 -18.73 -0.07 3.12
C LYS B 237 -19.17 -0.28 4.57
N VAL B 238 -18.22 -0.09 5.51
CA VAL B 238 -18.44 -0.37 6.92
C VAL B 238 -19.03 0.83 7.67
N LEU B 239 -18.37 1.98 7.56
CA LEU B 239 -18.77 3.22 8.24
C LEU B 239 -19.87 4.01 7.52
N GLY B 240 -20.12 3.68 6.25
CA GLY B 240 -21.00 4.47 5.41
C GLY B 240 -20.27 5.69 4.87
N THR B 241 -20.96 6.45 4.02
CA THR B 241 -20.37 7.57 3.32
C THR B 241 -20.23 8.75 4.27
N PRO B 242 -19.02 9.35 4.42
CA PRO B 242 -18.83 10.46 5.34
C PRO B 242 -19.63 11.70 4.91
N THR B 243 -20.22 12.42 5.88
CA THR B 243 -20.94 13.66 5.62
C THR B 243 -19.94 14.76 5.30
N ARG B 244 -20.37 15.75 4.51
CA ARG B 244 -19.49 16.85 4.01
C ARG B 244 -18.73 17.46 5.20
N GLU B 245 -19.41 17.55 6.36
CA GLU B 245 -18.76 17.98 7.60
C GLU B 245 -17.53 17.13 7.92
N GLN B 246 -17.72 15.80 8.02
CA GLN B 246 -16.66 14.87 8.41
C GLN B 246 -15.42 14.98 7.54
N ILE B 247 -15.61 14.99 6.21
CA ILE B 247 -14.50 15.14 5.27
C ILE B 247 -13.75 16.45 5.51
N ARG B 248 -14.52 17.48 5.88
CA ARG B 248 -14.03 18.85 6.15
C ARG B 248 -13.15 18.84 7.40
N GLU B 249 -13.37 17.90 8.35
CA GLU B 249 -12.30 17.54 9.31
C GLU B 249 -11.32 16.72 8.45
N MET B 250 -11.05 15.46 8.80
CA MET B 250 -10.06 14.64 8.06
C MET B 250 -9.05 15.48 7.24
N ASN B 251 -9.32 15.68 5.94
CA ASN B 251 -8.59 16.66 5.14
C ASN B 251 -9.58 17.66 4.54
N PRO B 252 -9.59 18.94 4.96
CA PRO B 252 -10.16 19.99 4.13
C PRO B 252 -9.39 20.06 2.79
N ASN B 253 -10.10 20.28 1.68
CA ASN B 253 -9.57 20.25 0.31
C ASN B 253 -10.01 19.05 -0.52
N TYR B 254 -10.80 18.15 0.09
CA TYR B 254 -11.42 16.96 -0.56
C TYR B 254 -12.93 16.98 -0.33
N THR B 255 -13.54 18.18 -0.28
CA THR B 255 -15.00 18.36 -0.09
C THR B 255 -15.83 17.87 -1.30
N GLU B 256 -15.96 16.54 -1.42
CA GLU B 256 -16.76 15.82 -2.44
C GLU B 256 -15.99 14.79 -3.31
N PHE B 257 -14.74 15.11 -3.69
CA PHE B 257 -13.88 14.31 -4.58
C PHE B 257 -14.25 12.80 -4.73
N LYS B 258 -15.34 12.54 -5.48
CA LYS B 258 -15.87 11.21 -5.82
C LYS B 258 -16.91 10.70 -4.80
N PHE B 259 -16.55 9.65 -4.05
CA PHE B 259 -17.37 8.98 -3.02
C PHE B 259 -18.74 8.43 -3.42
N PRO B 260 -18.88 7.10 -3.62
CA PRO B 260 -20.20 6.50 -3.80
C PRO B 260 -21.00 6.58 -2.48
N GLN B 261 -22.33 6.71 -2.58
CA GLN B 261 -23.22 6.85 -1.42
C GLN B 261 -23.73 5.50 -0.88
N ILE B 262 -23.12 5.04 0.23
CA ILE B 262 -23.48 3.78 0.88
C ILE B 262 -23.87 4.03 2.35
N LYS B 263 -24.92 3.34 2.80
CA LYS B 263 -25.35 3.32 4.20
C LYS B 263 -24.38 2.49 5.04
N ALA B 264 -24.29 2.80 6.34
CA ALA B 264 -23.45 2.07 7.27
C ALA B 264 -23.93 0.61 7.41
N HIS B 265 -23.00 -0.33 7.28
CA HIS B 265 -23.23 -1.74 7.58
C HIS B 265 -23.42 -1.84 9.10
N PRO B 266 -24.61 -2.26 9.60
CA PRO B 266 -24.84 -2.33 11.04
C PRO B 266 -23.67 -3.03 11.72
N TRP B 267 -22.87 -2.24 12.45
CA TRP B 267 -21.64 -2.69 13.11
C TRP B 267 -21.65 -4.13 13.65
N THR B 268 -22.77 -4.57 14.21
CA THR B 268 -22.91 -5.93 14.77
C THR B 268 -22.89 -6.99 13.67
N LYS B 269 -23.32 -6.61 12.45
CA LYS B 269 -23.34 -7.49 11.28
C LYS B 269 -21.99 -7.53 10.55
N VAL B 270 -20.94 -7.01 11.19
CA VAL B 270 -19.58 -6.98 10.65
C VAL B 270 -18.73 -8.13 11.17
N PHE B 271 -19.03 -8.60 12.38
CA PHE B 271 -18.25 -9.64 13.05
C PHE B 271 -19.04 -10.92 13.20
N ARG B 272 -18.33 -12.02 13.50
CA ARG B 272 -18.90 -13.37 13.81
C ARG B 272 -20.07 -13.19 14.78
N PRO B 273 -21.05 -14.14 14.83
CA PRO B 273 -22.24 -13.95 15.66
C PRO B 273 -21.98 -13.86 17.18
N ARG B 274 -21.04 -14.65 17.70
CA ARG B 274 -20.75 -14.76 19.17
C ARG B 274 -19.74 -13.68 19.61
N THR B 275 -19.49 -12.67 18.79
CA THR B 275 -18.50 -11.63 19.08
C THR B 275 -18.96 -10.76 20.25
N PRO B 276 -18.19 -10.69 21.34
CA PRO B 276 -18.57 -9.88 22.51
C PRO B 276 -19.03 -8.49 22.10
N PRO B 277 -20.22 -8.03 22.54
CA PRO B 277 -20.78 -6.76 22.08
C PRO B 277 -19.98 -5.55 22.57
N GLU B 278 -19.31 -5.67 23.71
CA GLU B 278 -18.47 -4.60 24.23
C GLU B 278 -17.26 -4.36 23.32
N ALA B 279 -16.74 -5.46 22.75
CA ALA B 279 -15.66 -5.42 21.77
C ALA B 279 -16.10 -4.63 20.52
N ILE B 280 -17.33 -4.90 20.06
CA ILE B 280 -17.92 -4.22 18.92
C ILE B 280 -18.11 -2.72 19.22
N ALA B 281 -18.72 -2.43 20.36
CA ALA B 281 -18.96 -1.02 20.76
C ALA B 281 -17.63 -0.28 20.78
N LEU B 282 -16.62 -0.87 21.40
CA LEU B 282 -15.28 -0.25 21.49
C LEU B 282 -14.81 0.08 20.08
N CYS B 283 -14.86 -0.90 19.19
CA CYS B 283 -14.43 -0.73 17.79
C CYS B 283 -15.12 0.49 17.20
N SER B 284 -16.44 0.54 17.31
CA SER B 284 -17.27 1.65 16.76
C SER B 284 -16.74 3.01 17.20
N ARG B 285 -16.36 3.17 18.47
CA ARG B 285 -15.85 4.48 18.93
C ARG B 285 -14.34 4.62 18.72
N LEU B 286 -13.69 3.64 18.11
CA LEU B 286 -12.25 3.73 17.80
C LEU B 286 -12.11 4.13 16.34
N LEU B 287 -12.91 3.48 15.50
CA LEU B 287 -12.88 3.70 14.04
C LEU B 287 -13.94 4.74 13.67
N GLU B 288 -13.67 6.00 13.96
CA GLU B 288 -14.60 7.10 13.63
C GLU B 288 -13.91 8.00 12.60
N TYR B 289 -14.67 8.51 11.64
CA TYR B 289 -14.12 9.43 10.61
C TYR B 289 -13.46 10.62 11.32
N THR B 290 -14.25 11.44 12.03
CA THR B 290 -13.75 12.64 12.68
C THR B 290 -12.65 12.31 13.69
N PRO B 291 -11.39 12.73 13.45
CA PRO B 291 -10.27 12.43 14.35
C PRO B 291 -10.49 12.74 15.83
N THR B 292 -11.15 13.87 16.12
CA THR B 292 -11.38 14.32 17.49
C THR B 292 -12.45 13.47 18.21
N ALA B 293 -13.37 12.87 17.44
CA ALA B 293 -14.46 12.07 17.99
C ALA B 293 -14.06 10.64 18.38
N ARG B 294 -12.78 10.28 18.18
CA ARG B 294 -12.23 8.95 18.54
C ARG B 294 -11.79 8.98 20.01
N LEU B 295 -11.97 7.88 20.74
CA LEU B 295 -11.48 7.77 22.12
C LEU B 295 -10.00 8.08 22.21
N THR B 296 -9.59 8.62 23.37
CA THR B 296 -8.19 8.74 23.68
C THR B 296 -7.73 7.35 24.09
N PRO B 297 -6.42 7.04 24.08
CA PRO B 297 -5.92 5.76 24.58
C PRO B 297 -6.42 5.50 26.01
N LEU B 298 -6.34 6.52 26.87
CA LEU B 298 -6.70 6.40 28.28
C LEU B 298 -8.17 6.05 28.46
N GLU B 299 -9.04 6.73 27.69
CA GLU B 299 -10.48 6.46 27.66
C GLU B 299 -10.81 5.03 27.24
N ALA B 300 -9.98 4.48 26.35
CA ALA B 300 -10.16 3.14 25.82
C ALA B 300 -9.74 2.10 26.85
N CYS B 301 -8.62 2.36 27.54
CA CYS B 301 -8.18 1.52 28.66
C CYS B 301 -9.29 1.29 29.68
N ALA B 302 -10.10 2.34 29.89
CA ALA B 302 -11.21 2.34 30.84
C ALA B 302 -12.55 1.97 30.24
N HIS B 303 -12.55 1.40 29.02
CA HIS B 303 -13.78 0.96 28.35
C HIS B 303 -14.24 -0.34 29.00
N SER B 304 -15.56 -0.58 28.97
CA SER B 304 -16.17 -1.75 29.61
C SER B 304 -15.66 -3.09 29.06
N PHE B 305 -15.22 -3.10 27.80
CA PHE B 305 -14.63 -4.29 27.18
C PHE B 305 -13.49 -4.89 28.01
N PHE B 306 -12.72 -4.03 28.69
CA PHE B 306 -11.57 -4.47 29.48
C PHE B 306 -11.87 -4.81 30.95
N ASP B 307 -13.16 -4.80 31.32
CA ASP B 307 -13.56 -5.01 32.71
C ASP B 307 -13.01 -6.33 33.27
N GLU B 308 -13.03 -7.37 32.45
CA GLU B 308 -12.55 -8.68 32.84
C GLU B 308 -11.08 -8.68 33.30
N LEU B 309 -10.30 -7.68 32.87
CA LEU B 309 -8.92 -7.57 33.29
C LEU B 309 -8.78 -7.01 34.70
N ARG B 310 -9.84 -6.33 35.14
CA ARG B 310 -9.90 -5.64 36.45
C ARG B 310 -10.54 -6.56 37.50
N ASP B 311 -11.16 -7.68 37.08
CA ASP B 311 -11.62 -8.72 37.98
C ASP B 311 -10.41 -9.23 38.77
N PRO B 312 -10.53 -9.41 40.11
CA PRO B 312 -9.40 -9.85 40.93
C PRO B 312 -9.04 -11.33 40.74
N ASN B 313 -9.96 -12.12 40.19
CA ASN B 313 -9.73 -13.55 39.97
C ASN B 313 -9.05 -13.89 38.64
N VAL B 314 -9.09 -12.93 37.71
CA VAL B 314 -8.61 -13.17 36.35
C VAL B 314 -7.19 -13.71 36.37
N LYS B 315 -6.99 -14.86 35.70
CA LYS B 315 -5.66 -15.42 35.47
C LYS B 315 -5.46 -15.71 33.99
N LEU B 316 -4.22 -15.97 33.59
CA LEU B 316 -3.92 -16.37 32.22
C LEU B 316 -4.35 -17.83 32.06
N PRO B 317 -4.81 -18.24 30.85
CA PRO B 317 -5.19 -19.62 30.60
C PRO B 317 -4.07 -20.64 30.91
N ASN B 318 -2.80 -20.23 30.86
CA ASN B 318 -1.72 -21.11 31.25
C ASN B 318 -1.48 -21.19 32.76
N GLY B 319 -2.25 -20.41 33.54
CA GLY B 319 -2.23 -20.49 34.99
C GLY B 319 -1.54 -19.35 35.75
N ARG B 320 -0.55 -18.72 35.13
CA ARG B 320 0.17 -17.55 35.72
C ARG B 320 -0.80 -16.37 35.93
N ASP B 321 -0.45 -15.45 36.82
CA ASP B 321 -1.20 -14.20 36.97
C ASP B 321 -1.08 -13.36 35.73
N THR B 322 -2.03 -12.45 35.54
CA THR B 322 -1.93 -11.43 34.51
C THR B 322 -0.71 -10.57 34.81
N PRO B 323 -0.05 -9.99 33.80
CA PRO B 323 1.10 -9.12 34.05
C PRO B 323 0.65 -7.74 34.53
N ALA B 324 1.59 -6.81 34.75
CA ALA B 324 1.29 -5.44 35.17
C ALA B 324 0.22 -4.84 34.28
N LEU B 325 -0.88 -4.40 34.88
CA LEU B 325 -1.97 -3.73 34.18
C LEU B 325 -2.38 -2.43 34.85
N PHE B 326 -1.97 -2.24 36.12
CA PHE B 326 -2.52 -1.21 36.99
C PHE B 326 -1.53 -0.19 37.55
N ASN B 327 -0.24 -0.38 37.24
CA ASN B 327 0.82 0.46 37.80
C ASN B 327 0.99 1.78 37.08
N PHE B 328 -0.11 2.52 36.92
CA PHE B 328 -0.08 3.81 36.25
C PHE B 328 0.82 4.80 37.00
N THR B 329 1.48 5.70 36.25
CA THR B 329 2.11 6.91 36.78
C THR B 329 1.16 8.09 36.50
N THR B 330 1.44 9.24 37.15
CA THR B 330 0.63 10.45 37.01
C THR B 330 0.81 11.01 35.61
N GLN B 331 2.05 10.90 35.10
CA GLN B 331 2.39 11.12 33.70
C GLN B 331 1.40 10.40 32.79
N GLU B 332 1.35 9.07 32.94
CA GLU B 332 0.53 8.18 32.13
C GLU B 332 -0.97 8.51 32.22
N LEU B 333 -1.38 9.11 33.35
CA LEU B 333 -2.77 9.46 33.62
C LEU B 333 -3.12 10.91 33.31
N SER B 334 -2.10 11.72 33.00
CA SER B 334 -2.26 13.17 32.84
C SER B 334 -3.32 13.55 31.81
N SER B 335 -3.46 12.72 30.79
CA SER B 335 -4.56 12.81 29.82
C SER B 335 -5.89 13.16 30.53
N ASN B 336 -6.18 12.46 31.63
CA ASN B 336 -7.45 12.57 32.36
C ASN B 336 -7.41 11.83 33.71
N PRO B 337 -6.78 12.44 34.75
CA PRO B 337 -6.58 11.76 36.05
C PRO B 337 -7.81 11.10 36.69
N PRO B 338 -9.00 11.75 36.70
CA PRO B 338 -10.22 11.11 37.19
C PRO B 338 -10.40 9.63 36.86
N LEU B 339 -9.93 9.19 35.69
CA LEU B 339 -10.11 7.81 35.27
C LEU B 339 -9.40 6.79 36.20
N ALA B 340 -8.44 7.28 37.00
CA ALA B 340 -7.66 6.45 37.91
C ALA B 340 -8.52 5.56 38.77
N THR B 341 -9.69 6.08 39.17
CA THR B 341 -10.62 5.36 40.05
C THR B 341 -11.23 4.13 39.38
N ILE B 342 -11.29 4.14 38.04
CA ILE B 342 -11.73 3.00 37.23
C ILE B 342 -10.54 2.14 36.81
N LEU B 343 -9.49 2.79 36.32
CA LEU B 343 -8.32 2.09 35.79
C LEU B 343 -7.61 1.21 36.82
N ILE B 344 -7.47 1.76 38.04
CA ILE B 344 -6.87 1.08 39.18
C ILE B 344 -8.00 0.55 40.07
N PRO B 345 -8.29 -0.77 40.01
CA PRO B 345 -9.44 -1.31 40.74
C PRO B 345 -9.16 -1.44 42.24
N PRO B 346 -10.20 -1.56 43.08
CA PRO B 346 -10.03 -1.79 44.52
C PRO B 346 -8.91 -2.77 44.86
N HIS B 347 -8.89 -3.93 44.20
CA HIS B 347 -7.97 -5.01 44.56
C HIS B 347 -6.49 -4.74 44.29
N ALA B 348 -6.17 -3.73 43.47
CA ALA B 348 -4.78 -3.44 43.05
C ALA B 348 -3.73 -3.32 44.17
CL CL C . -34.03 1.51 -33.05
O2 L7W D . -6.82 -13.54 -12.55
C10 L7W D . -7.79 -14.04 -13.11
C11 L7W D . -8.83 -14.67 -12.17
O1 L7W D . -9.86 -13.73 -11.80
C12 L7W D . -9.74 -12.76 -10.81
C17 L7W D . -9.39 -13.16 -9.50
C16 L7W D . -9.27 -12.21 -8.48
C15 L7W D . -9.52 -10.85 -8.73
C14 L7W D . -9.88 -10.41 -10.02
C13 L7W D . -10.02 -11.31 -11.09
F L7W D . -10.36 -10.82 -12.31
N2 L7W D . -7.94 -14.09 -14.47
C8 L7W D . -6.85 -14.06 -15.43
C7 L7W D . -7.46 -13.35 -16.62
C9 L7W D . -9.20 -14.21 -15.19
C6 L7W D . -8.96 -13.49 -16.51
C5 L7W D . -9.58 -12.12 -16.54
O L7W D . -9.80 -11.53 -15.49
N1 L7W D . -9.82 -11.68 -17.80
C4 L7W D . -10.43 -10.53 -18.15
C L7W D . -10.88 -9.53 -17.26
N L7W D . -10.66 -10.34 -19.46
C3 L7W D . -11.27 -9.25 -19.93
C2 L7W D . -11.72 -8.25 -19.09
C1 L7W D . -11.52 -8.38 -17.74
CL CL E . -1.07 -16.76 22.87
O2 L7W F . 9.78 -12.10 12.78
C10 L7W F . 10.63 -12.56 13.53
C11 L7W F . 11.73 -13.41 12.89
O1 L7W F . 12.51 -12.68 11.93
C12 L7W F . 12.63 -12.96 10.56
C17 L7W F . 13.06 -14.21 10.06
C16 L7W F . 13.17 -14.43 8.68
C15 L7W F . 12.87 -13.43 7.76
C14 L7W F . 12.45 -12.17 8.19
C13 L7W F . 12.32 -11.89 9.57
F L7W F . 11.91 -10.68 10.01
N2 L7W F . 10.56 -12.34 14.87
C8 L7W F . 9.40 -11.67 15.45
C7 L7W F . 9.65 -11.63 16.94
C9 L7W F . 11.55 -12.69 15.90
C6 L7W F . 11.13 -11.86 17.12
C5 L7W F . 11.76 -10.50 17.17
O L7W F . 12.01 -9.96 16.10
N1 L7W F . 11.94 -9.93 18.37
C4 L7W F . 12.37 -8.64 18.59
C L7W F . 12.73 -7.71 17.59
N L7W F . 12.44 -8.22 19.88
C3 L7W F . 12.85 -6.99 20.21
C2 L7W F . 13.21 -6.06 19.24
C1 L7W F . 13.15 -6.43 17.92
#